data_8Y9N
#
_entry.id   8Y9N
#
_cell.length_a   1.00
_cell.length_b   1.00
_cell.length_c   1.00
_cell.angle_alpha   90.00
_cell.angle_beta   90.00
_cell.angle_gamma   90.00
#
_symmetry.space_group_name_H-M   'P 1'
#
loop_
_entity.id
_entity.type
_entity.pdbx_description
1 polymer Cas12h1
2 polymer crRNA
3 polymer 'DNA (29-mer)'
4 polymer 'DNA (29-mer)'
5 non-polymer 'MAGNESIUM ION'
#
loop_
_entity_poly.entity_id
_entity_poly.type
_entity_poly.pdbx_seq_one_letter_code
_entity_poly.pdbx_strand_id
1 'polypeptide(L)'
;MKVHEIPRSQLLKIKQYEGSFVEWYRDLQEDRKKFASLLFRWAAFGYAAREDDGATYISPSQALLERRLLLGDAEDVAIK
FLDVLFKGGAPSSSCYSLFYEDFALRDKAKYSGAKREFIEGLATMPLDKIIERIRQDEQLSKIPAEEWLILGAEYSPEEI
WEQVAPRIVNVDRSLGKQLRERLGIKCRRPHDAGYCKILMEVVARQLRSHNETYHEYLNQTHEMKTKVANNLTNEFDLVC
EFAEVLEEKNYGLGWYVLWQGVKQALKEQKKPTKIQIAVDQLRQPKFAGLLTAKWRALKGAYDTWKLKKRLEKRKAFPYM
PNWDNDYQIPVGLTGLGVFTLEVKRTEVVVDLKEHGKLFCSHSHYFGDLTAEKHPSRYHLKFRHKLKLRKRDSRVEPTIG
PWIEAALREITIQKKPNGVFYLGLPYALSHGIDNFQIAKRFFSAAKPDKEVINGLPSEMVVGAADLNLSNIVAPVKARIG
KGLEGPLHALDYGYGELIDGPKILTPDGPRCGELISLKRDIVEIKSAIKEFKACQREGLTMSEETTTWLSEVESPSDSPR
CMIQSRIADTSRRLNSFKYQMNKEGYQDLAEALRLLDAMDSYNSLLESYQRMHLSPGEQSPKEAKFDTKRASFRDLLRRR
VAHTIVEYFDDCDIVFFEDLDGPSDSDSRNNALVKLLSPRTLLLYIRQALEKRGIGMVEVAKDGTSQNNPISGHVGWRNK
QNKSEIYFYEDKELLVMDADEVGAMNILCRGLNHSVCPYSFVTKAPEKKNDEKKEGDYGKRVKRFLKDRYGSSNVRFLVA
SMGFVTVTTKRPKDALVGKRLYYHGGELVTHDLHNRMKDEIKYLVEKEVLARRVSLSDSTIKSYKSFAHV
;
A
2 'polyribonucleotide' GUGCUGGCCGCUCUCGCUAGAGGGAGGUCAGAGCACAUAAUAUCAAUGGAAUAUAGCAAGCU B
3 'polydeoxyribonucleotide'
;(DC)(DT)(DA)(DT)(DA)(DT)(DT)(DC)(DC)(DA)(DT)(DT)(DG)(DA)(DT)(DA)(DT)(DT)(DA)(DT)
(DC)(DA)(DT)(DC)(DT)(DA)(DG)(DA)(DC)
;
C
4 'polydeoxyribonucleotide'
;(DG)(DT)(DC)(DT)(DA)(DG)(DA)(DT)(DG)(DA)(DT)(DA)(DA)(DT)(DA)(DC)(DA)(DC)(DC)(DG)
(DT)(DT)(DG)(DG)(DC)(DC)(DC)(DG)(DA)
;
D
#
loop_
_chem_comp.id
_chem_comp.type
_chem_comp.name
_chem_comp.formula
A RNA linking ADENOSINE-5'-MONOPHOSPHATE 'C10 H14 N5 O7 P'
C RNA linking CYTIDINE-5'-MONOPHOSPHATE 'C9 H14 N3 O8 P'
DA DNA linking 2'-DEOXYADENOSINE-5'-MONOPHOSPHATE 'C10 H14 N5 O6 P'
DC DNA linking 2'-DEOXYCYTIDINE-5'-MONOPHOSPHATE 'C9 H14 N3 O7 P'
DG DNA linking 2'-DEOXYGUANOSINE-5'-MONOPHOSPHATE 'C10 H14 N5 O7 P'
DT DNA linking THYMIDINE-5'-MONOPHOSPHATE 'C10 H15 N2 O8 P'
G RNA linking GUANOSINE-5'-MONOPHOSPHATE 'C10 H14 N5 O8 P'
MG non-polymer 'MAGNESIUM ION' 'Mg 2'
U RNA linking URIDINE-5'-MONOPHOSPHATE 'C9 H13 N2 O9 P'
#
# COMPACT_ATOMS: atom_id res chain seq x y z
N MET A 1 -22.65 13.11 0.02
CA MET A 1 -23.03 11.98 0.86
C MET A 1 -21.98 10.88 0.78
N LYS A 2 -21.40 10.72 -0.40
CA LYS A 2 -20.33 9.74 -0.59
C LYS A 2 -19.10 10.29 -1.30
N VAL A 3 -19.23 11.30 -2.16
CA VAL A 3 -18.09 11.79 -2.91
C VAL A 3 -17.12 12.55 -2.02
N HIS A 4 -17.63 13.41 -1.15
CA HIS A 4 -16.81 14.33 -0.37
C HIS A 4 -16.77 13.99 1.11
N GLU A 5 -16.88 12.71 1.46
CA GLU A 5 -16.88 12.28 2.84
C GLU A 5 -15.80 11.23 3.06
N ILE A 6 -15.25 11.23 4.28
CA ILE A 6 -14.11 10.40 4.65
C ILE A 6 -14.56 9.46 5.76
N PRO A 7 -14.55 8.14 5.54
CA PRO A 7 -15.04 7.21 6.57
C PRO A 7 -13.95 6.74 7.54
N ARG A 8 -14.32 6.71 8.82
CA ARG A 8 -13.48 6.16 9.88
C ARG A 8 -14.35 5.30 10.78
N SER A 9 -13.72 4.61 11.73
CA SER A 9 -14.43 3.67 12.57
C SER A 9 -13.67 3.46 13.88
N GLN A 10 -14.38 2.94 14.87
CA GLN A 10 -13.79 2.53 16.14
C GLN A 10 -14.84 1.70 16.87
N LEU A 11 -14.42 1.05 17.96
CA LEU A 11 -15.21 0.02 18.61
C LEU A 11 -15.55 0.39 20.04
N LEU A 12 -16.70 -0.12 20.49
CA LEU A 12 -17.13 -0.10 21.88
C LEU A 12 -17.36 -1.52 22.34
N LYS A 13 -16.95 -1.83 23.57
CA LYS A 13 -17.12 -3.17 24.10
C LYS A 13 -18.53 -3.34 24.63
N ILE A 14 -19.19 -4.44 24.24
CA ILE A 14 -20.55 -4.73 24.68
C ILE A 14 -20.47 -5.37 26.06
N LYS A 15 -20.85 -4.61 27.09
CA LYS A 15 -20.81 -5.15 28.45
C LYS A 15 -21.85 -6.25 28.62
N GLN A 16 -23.09 -6.01 28.18
CA GLN A 16 -24.10 -7.04 28.38
C GLN A 16 -25.20 -6.90 27.34
N TYR A 17 -26.03 -7.94 27.26
CA TYR A 17 -27.09 -8.00 26.26
C TYR A 17 -28.31 -8.70 26.82
N GLU A 18 -29.49 -8.21 26.42
CA GLU A 18 -30.76 -8.78 26.81
C GLU A 18 -31.43 -9.42 25.60
N GLY A 19 -32.50 -10.17 25.86
CA GLY A 19 -33.28 -10.74 24.78
C GLY A 19 -32.54 -11.84 24.03
N SER A 20 -33.05 -12.14 22.84
CA SER A 20 -32.51 -13.20 22.00
C SER A 20 -31.49 -12.67 21.00
N PHE A 21 -30.47 -11.97 21.49
CA PHE A 21 -29.44 -11.44 20.60
C PHE A 21 -28.49 -12.52 20.11
N VAL A 22 -28.08 -13.42 21.00
CA VAL A 22 -27.08 -14.43 20.65
C VAL A 22 -27.63 -15.40 19.62
N GLU A 23 -28.90 -15.79 19.77
CA GLU A 23 -29.52 -16.68 18.79
C GLU A 23 -29.58 -16.01 17.42
N TRP A 24 -29.93 -14.74 17.38
CA TRP A 24 -30.00 -14.00 16.12
C TRP A 24 -28.63 -13.95 15.45
N TYR A 25 -27.59 -13.62 16.22
CA TYR A 25 -26.24 -13.56 15.67
C TYR A 25 -25.77 -14.92 15.15
N ARG A 26 -26.01 -15.98 15.94
CA ARG A 26 -25.57 -17.31 15.53
C ARG A 26 -26.31 -17.78 14.29
N ASP A 27 -27.61 -17.52 14.22
CA ASP A 27 -28.38 -17.88 13.02
C ASP A 27 -27.84 -17.16 11.80
N LEU A 28 -27.54 -15.86 11.95
CA LEU A 28 -27.02 -15.11 10.82
C LEU A 28 -25.71 -15.70 10.33
N GLN A 29 -24.80 -16.04 11.26
CA GLN A 29 -23.51 -16.59 10.85
C GLN A 29 -23.65 -17.95 10.18
N GLU A 30 -24.48 -18.83 10.75
CA GLU A 30 -24.64 -20.16 10.17
C GLU A 30 -25.26 -20.08 8.78
N ASP A 31 -26.30 -19.25 8.61
CA ASP A 31 -26.92 -19.12 7.30
C ASP A 31 -25.97 -18.47 6.30
N ARG A 32 -25.16 -17.53 6.76
CA ARG A 32 -24.15 -16.93 5.88
C ARG A 32 -23.22 -17.99 5.34
N LYS A 33 -22.67 -18.83 6.22
CA LYS A 33 -21.79 -19.91 5.75
C LYS A 33 -22.50 -20.80 4.75
N LYS A 34 -23.71 -21.28 5.11
CA LYS A 34 -24.40 -22.24 4.27
C LYS A 34 -24.69 -21.68 2.87
N PHE A 35 -25.26 -20.48 2.80
CA PHE A 35 -25.67 -19.94 1.52
C PHE A 35 -24.51 -19.39 0.71
N ALA A 36 -23.45 -18.90 1.35
CA ALA A 36 -22.24 -18.57 0.60
C ALA A 36 -21.68 -19.83 -0.07
N SER A 37 -21.63 -20.94 0.67
CA SER A 37 -21.14 -22.18 0.07
C SER A 37 -22.03 -22.64 -1.08
N LEU A 38 -23.34 -22.53 -0.92
CA LEU A 38 -24.26 -22.98 -1.97
C LEU A 38 -24.15 -22.11 -3.23
N LEU A 39 -24.14 -20.79 -3.06
CA LEU A 39 -24.07 -19.90 -4.20
C LEU A 39 -22.71 -19.91 -4.87
N PHE A 40 -21.65 -20.32 -4.15
CA PHE A 40 -20.38 -20.57 -4.81
C PHE A 40 -20.46 -21.73 -5.79
N ARG A 41 -21.33 -22.70 -5.54
CA ARG A 41 -21.53 -23.79 -6.47
C ARG A 41 -22.53 -23.45 -7.58
N TRP A 42 -23.49 -22.57 -7.30
CA TRP A 42 -24.36 -22.09 -8.38
C TRP A 42 -23.57 -21.33 -9.43
N ALA A 43 -22.61 -20.51 -9.00
CA ALA A 43 -21.71 -19.82 -9.92
C ALA A 43 -20.50 -20.72 -10.13
N ALA A 44 -20.44 -21.41 -11.26
CA ALA A 44 -19.47 -22.48 -11.43
C ALA A 44 -18.05 -21.94 -11.56
N PHE A 45 -17.36 -21.84 -10.43
CA PHE A 45 -15.98 -21.39 -10.41
C PHE A 45 -15.05 -22.60 -10.43
N GLY A 46 -13.95 -22.47 -11.16
CA GLY A 46 -12.85 -23.39 -10.97
C GLY A 46 -12.08 -23.05 -9.72
N TYR A 47 -11.46 -24.06 -9.11
CA TYR A 47 -10.72 -23.82 -7.88
C TYR A 47 -9.71 -24.93 -7.67
N ALA A 48 -8.65 -24.60 -6.95
CA ALA A 48 -7.58 -25.54 -6.64
C ALA A 48 -7.84 -26.23 -5.31
N ALA A 49 -7.43 -27.48 -5.22
CA ALA A 49 -7.67 -28.27 -4.01
C ALA A 49 -6.75 -27.81 -2.88
N ARG A 50 -7.34 -27.56 -1.71
CA ARG A 50 -6.59 -27.01 -0.59
C ARG A 50 -5.70 -28.05 0.09
N GLU A 51 -6.05 -29.33 -0.01
CA GLU A 51 -5.36 -30.36 0.77
C GLU A 51 -3.95 -30.64 0.27
N ASP A 52 -3.69 -30.48 -1.03
CA ASP A 52 -2.39 -30.84 -1.60
C ASP A 52 -1.66 -29.62 -2.16
N ASP A 53 -1.91 -28.44 -1.59
CA ASP A 53 -1.26 -27.20 -2.01
C ASP A 53 -1.48 -26.91 -3.48
N GLY A 54 -2.69 -27.21 -3.97
CA GLY A 54 -3.06 -26.85 -5.32
C GLY A 54 -2.37 -27.62 -6.41
N ALA A 55 -1.87 -28.82 -6.12
CA ALA A 55 -1.28 -29.65 -7.17
C ALA A 55 -2.32 -30.07 -8.19
N THR A 56 -3.51 -30.41 -7.74
CA THR A 56 -4.64 -30.73 -8.59
C THR A 56 -5.73 -29.68 -8.42
N TYR A 57 -6.66 -29.65 -9.38
CA TYR A 57 -7.70 -28.63 -9.37
C TYR A 57 -8.96 -29.19 -10.00
N ILE A 58 -10.06 -28.45 -9.82
CA ILE A 58 -11.34 -28.75 -10.44
C ILE A 58 -11.59 -27.74 -11.55
N SER A 59 -11.67 -28.23 -12.78
CA SER A 59 -11.82 -27.36 -13.93
C SER A 59 -13.21 -26.73 -13.93
N PRO A 60 -13.38 -25.62 -14.65
CA PRO A 60 -14.72 -25.02 -14.75
C PRO A 60 -15.75 -25.95 -15.37
N SER A 61 -15.32 -26.85 -16.27
CA SER A 61 -16.28 -27.75 -16.91
C SER A 61 -16.90 -28.73 -15.92
N GLN A 62 -16.09 -29.26 -14.99
CA GLN A 62 -16.64 -30.16 -13.99
C GLN A 62 -17.61 -29.44 -13.06
N ALA A 63 -17.28 -28.21 -12.65
CA ALA A 63 -18.20 -27.43 -11.85
C ALA A 63 -19.49 -27.14 -12.60
N LEU A 64 -19.39 -26.84 -13.89
CA LEU A 64 -20.58 -26.60 -14.70
C LEU A 64 -21.45 -27.85 -14.79
N LEU A 65 -20.82 -29.01 -14.99
CA LEU A 65 -21.56 -30.26 -15.06
C LEU A 65 -22.24 -30.58 -13.74
N GLU A 66 -21.56 -30.31 -12.62
CA GLU A 66 -22.17 -30.55 -11.31
C GLU A 66 -23.31 -29.57 -11.05
N ARG A 67 -23.17 -28.33 -11.53
CA ARG A 67 -24.26 -27.36 -11.41
C ARG A 67 -25.50 -27.81 -12.17
N ARG A 68 -25.30 -28.36 -13.38
CA ARG A 68 -26.44 -28.83 -14.15
C ARG A 68 -27.25 -29.87 -13.37
N LEU A 69 -26.57 -30.73 -12.61
CA LEU A 69 -27.27 -31.72 -11.79
C LEU A 69 -27.89 -31.08 -10.56
N LEU A 70 -27.17 -30.14 -9.93
CA LEU A 70 -27.64 -29.55 -8.68
C LEU A 70 -28.90 -28.72 -8.89
N LEU A 71 -28.95 -27.94 -9.97
CA LEU A 71 -30.07 -27.03 -10.21
C LEU A 71 -31.20 -27.64 -11.01
N GLY A 72 -30.89 -28.44 -12.03
CA GLY A 72 -31.93 -29.07 -12.81
C GLY A 72 -32.56 -28.17 -13.84
N ASP A 73 -33.88 -27.99 -13.75
CA ASP A 73 -34.62 -27.18 -14.71
C ASP A 73 -34.57 -25.70 -14.40
N ALA A 74 -34.13 -25.31 -13.21
CA ALA A 74 -33.96 -23.91 -12.85
C ALA A 74 -32.62 -23.35 -13.31
N GLU A 75 -32.01 -23.98 -14.32
CA GLU A 75 -30.68 -23.59 -14.76
C GLU A 75 -30.66 -22.17 -15.30
N ASP A 76 -31.64 -21.80 -16.12
CA ASP A 76 -31.60 -20.50 -16.78
C ASP A 76 -31.96 -19.36 -15.83
N VAL A 77 -32.93 -19.59 -14.93
CA VAL A 77 -33.32 -18.54 -14.00
C VAL A 77 -32.17 -18.20 -13.05
N ALA A 78 -31.46 -19.22 -12.56
CA ALA A 78 -30.36 -18.99 -11.64
C ALA A 78 -29.25 -18.18 -12.29
N ILE A 79 -29.04 -18.37 -13.60
CA ILE A 79 -28.01 -17.61 -14.29
C ILE A 79 -28.34 -16.12 -14.32
N LYS A 80 -29.60 -15.78 -14.63
CA LYS A 80 -30.02 -14.39 -14.63
C LYS A 80 -29.95 -13.80 -13.23
N PHE A 81 -30.38 -14.56 -12.21
CA PHE A 81 -30.31 -14.07 -10.84
C PHE A 81 -28.86 -13.79 -10.45
N LEU A 82 -27.94 -14.68 -10.83
CA LEU A 82 -26.54 -14.50 -10.49
C LEU A 82 -25.94 -13.31 -11.22
N ASP A 83 -26.31 -13.11 -12.49
CA ASP A 83 -25.80 -11.95 -13.21
C ASP A 83 -26.25 -10.65 -12.57
N VAL A 84 -27.53 -10.57 -12.21
CA VAL A 84 -28.04 -9.37 -11.57
C VAL A 84 -27.35 -9.15 -10.23
N LEU A 85 -27.17 -10.21 -9.45
CA LEU A 85 -26.55 -10.07 -8.14
C LEU A 85 -25.07 -9.69 -8.26
N PHE A 86 -24.38 -10.17 -9.29
CA PHE A 86 -22.97 -9.86 -9.45
C PHE A 86 -22.78 -8.43 -9.92
N LYS A 87 -23.66 -7.93 -10.78
CA LYS A 87 -23.55 -6.54 -11.21
C LYS A 87 -23.72 -5.59 -10.03
N GLY A 88 -24.66 -5.89 -9.15
CA GLY A 88 -24.85 -5.09 -7.95
C GLY A 88 -25.57 -3.79 -8.21
N GLY A 89 -25.52 -2.93 -7.21
CA GLY A 89 -26.12 -1.62 -7.31
C GLY A 89 -27.60 -1.62 -7.01
N ALA A 90 -28.29 -0.58 -7.43
CA ALA A 90 -29.71 -0.44 -7.10
C ALA A 90 -30.54 -1.44 -7.85
N PRO A 91 -30.29 -1.83 -9.11
CA PRO A 91 -31.16 -2.76 -9.75
C PRO A 91 -31.23 -4.14 -9.09
N SER A 92 -30.45 -4.37 -8.06
CA SER A 92 -30.38 -5.66 -7.39
C SER A 92 -30.74 -5.55 -5.91
N SER A 93 -31.56 -4.60 -5.58
CA SER A 93 -31.84 -4.41 -4.15
C SER A 93 -33.06 -5.19 -3.76
N SER A 94 -33.50 -6.09 -4.61
CA SER A 94 -34.74 -6.79 -4.28
C SER A 94 -34.49 -8.27 -4.40
N CYS A 95 -33.25 -8.70 -4.33
CA CYS A 95 -32.84 -10.10 -4.34
C CYS A 95 -33.15 -10.81 -3.04
N TYR A 96 -33.34 -10.08 -1.93
CA TYR A 96 -33.68 -10.69 -0.66
C TYR A 96 -35.01 -11.44 -0.70
N SER A 97 -35.71 -11.39 -1.82
CA SER A 97 -36.95 -12.17 -1.91
C SER A 97 -36.61 -13.62 -2.09
N LEU A 98 -35.36 -13.96 -2.37
CA LEU A 98 -34.97 -15.36 -2.38
C LEU A 98 -35.24 -16.02 -1.04
N PHE A 99 -35.15 -15.27 0.06
CA PHE A 99 -35.34 -15.79 1.40
C PHE A 99 -36.69 -15.42 2.01
N TYR A 100 -37.14 -14.18 1.82
CA TYR A 100 -38.36 -13.71 2.45
C TYR A 100 -39.57 -14.45 1.90
N GLU A 101 -40.41 -14.96 2.80
CA GLU A 101 -41.56 -15.77 2.38
C GLU A 101 -42.78 -14.91 2.04
N ASP A 102 -42.90 -13.74 2.67
CA ASP A 102 -44.06 -12.87 2.50
C ASP A 102 -43.83 -11.77 1.48
N PHE A 103 -42.80 -11.90 0.67
CA PHE A 103 -42.45 -10.85 -0.31
C PHE A 103 -43.60 -10.64 -1.28
N ALA A 104 -43.95 -9.39 -1.55
CA ALA A 104 -45.02 -9.01 -2.47
C ALA A 104 -44.47 -8.02 -3.50
N LEU A 105 -44.72 -8.26 -4.76
CA LEU A 105 -44.19 -7.41 -5.85
C LEU A 105 -45.16 -6.28 -6.14
N ARG A 106 -44.65 -5.08 -6.35
CA ARG A 106 -45.53 -3.99 -6.82
C ARG A 106 -45.60 -4.17 -8.33
N ASP A 107 -46.75 -3.89 -8.90
CA ASP A 107 -47.01 -4.06 -10.31
C ASP A 107 -46.76 -2.81 -11.14
N LYS A 108 -46.30 -1.72 -10.53
CA LYS A 108 -46.02 -0.49 -11.24
C LYS A 108 -44.67 0.04 -10.82
N ALA A 109 -44.01 0.75 -11.73
CA ALA A 109 -42.72 1.35 -11.43
C ALA A 109 -42.89 2.51 -10.47
N LYS A 110 -41.80 2.83 -9.77
CA LYS A 110 -41.85 3.92 -8.80
C LYS A 110 -41.84 5.27 -9.50
N TYR A 111 -42.63 6.21 -8.97
CA TYR A 111 -42.75 7.54 -9.55
C TYR A 111 -41.68 8.46 -8.96
N SER A 112 -40.43 8.15 -9.29
CA SER A 112 -39.31 8.91 -8.75
C SER A 112 -39.26 10.31 -9.37
N GLY A 113 -38.55 11.20 -8.66
CA GLY A 113 -38.44 12.57 -9.14
C GLY A 113 -37.76 12.67 -10.50
N ALA A 114 -36.78 11.79 -10.74
CA ALA A 114 -36.10 11.79 -12.03
C ALA A 114 -37.04 11.45 -13.17
N LYS A 115 -38.12 10.72 -12.91
CA LYS A 115 -39.11 10.44 -13.94
C LYS A 115 -40.25 11.46 -13.91
N ARG A 116 -40.53 12.05 -12.74
CA ARG A 116 -41.48 13.16 -12.70
C ARG A 116 -41.01 14.30 -13.57
N GLU A 117 -39.74 14.69 -13.45
CA GLU A 117 -39.23 15.79 -14.27
C GLU A 117 -39.12 15.40 -15.73
N PHE A 118 -38.94 14.11 -16.02
CA PHE A 118 -38.94 13.66 -17.42
C PHE A 118 -40.32 13.80 -18.05
N ILE A 119 -41.35 13.30 -17.35
CA ILE A 119 -42.70 13.32 -17.91
C ILE A 119 -43.22 14.75 -17.98
N GLU A 120 -42.93 15.57 -16.96
CA GLU A 120 -43.45 16.93 -16.93
C GLU A 120 -42.85 17.81 -18.01
N GLY A 121 -41.72 17.41 -18.60
CA GLY A 121 -41.08 18.22 -19.61
C GLY A 121 -41.12 17.64 -21.00
N LEU A 122 -42.05 16.72 -21.26
CA LEU A 122 -42.11 16.07 -22.57
C LEU A 122 -42.54 17.03 -23.67
N ALA A 123 -43.34 18.05 -23.33
CA ALA A 123 -43.88 18.93 -24.37
C ALA A 123 -42.77 19.69 -25.10
N THR A 124 -41.80 20.22 -24.35
CA THR A 124 -40.79 21.07 -24.95
C THR A 124 -39.58 20.31 -25.48
N MET A 125 -39.44 19.03 -25.14
CA MET A 125 -38.25 18.29 -25.52
C MET A 125 -38.34 17.86 -26.99
N PRO A 126 -37.37 18.21 -27.82
CA PRO A 126 -37.34 17.69 -29.19
C PRO A 126 -36.88 16.24 -29.22
N LEU A 127 -36.98 15.64 -30.41
CA LEU A 127 -36.74 14.21 -30.55
C LEU A 127 -35.30 13.84 -30.20
N ASP A 128 -34.33 14.64 -30.66
CA ASP A 128 -32.93 14.34 -30.39
C ASP A 128 -32.63 14.35 -28.89
N LYS A 129 -33.16 15.34 -28.16
CA LYS A 129 -32.98 15.37 -26.72
C LYS A 129 -33.61 14.15 -26.05
N ILE A 130 -34.80 13.76 -26.51
CA ILE A 130 -35.49 12.62 -25.92
C ILE A 130 -34.68 11.34 -26.11
N ILE A 131 -34.20 11.10 -27.33
CA ILE A 131 -33.45 9.87 -27.59
C ILE A 131 -32.12 9.89 -26.85
N GLU A 132 -31.54 11.05 -26.70
CA GLU A 132 -30.26 11.05 -26.00
C GLU A 132 -30.49 10.85 -24.49
N ARG A 133 -31.59 11.36 -23.94
CA ARG A 133 -31.91 11.18 -22.50
C ARG A 133 -32.23 9.74 -22.15
N ILE A 134 -32.95 9.01 -23.00
CA ILE A 134 -33.38 7.62 -22.67
C ILE A 134 -32.50 6.58 -23.33
N ARG A 135 -31.29 6.90 -23.74
CA ARG A 135 -30.49 5.79 -24.34
C ARG A 135 -29.66 5.14 -23.24
N GLN A 136 -29.66 5.70 -22.03
CA GLN A 136 -28.85 5.13 -20.92
C GLN A 136 -29.75 4.55 -19.82
N ASP A 137 -31.04 4.85 -19.81
CA ASP A 137 -31.90 4.33 -18.72
C ASP A 137 -32.56 3.05 -19.22
N GLU A 138 -32.32 1.93 -18.54
CA GLU A 138 -32.93 0.64 -19.00
C GLU A 138 -34.43 0.61 -18.71
N GLN A 139 -34.93 1.41 -17.76
CA GLN A 139 -36.39 1.44 -17.60
C GLN A 139 -37.02 2.27 -18.72
N LEU A 140 -36.59 3.52 -18.89
CA LEU A 140 -37.16 4.39 -19.91
C LEU A 140 -36.93 3.85 -21.31
N SER A 141 -35.92 3.02 -21.51
CA SER A 141 -35.61 2.51 -22.84
C SER A 141 -36.65 1.51 -23.34
N LYS A 142 -37.58 1.09 -22.49
CA LYS A 142 -38.62 0.14 -22.91
C LYS A 142 -39.62 0.74 -23.88
N ILE A 143 -39.63 2.06 -24.06
CA ILE A 143 -40.57 2.73 -24.95
C ILE A 143 -39.79 3.54 -25.98
N PRO A 144 -40.12 3.44 -27.26
CA PRO A 144 -39.38 4.21 -28.27
C PRO A 144 -39.56 5.71 -28.10
N ALA A 145 -38.56 6.47 -28.55
CA ALA A 145 -38.56 7.90 -28.37
C ALA A 145 -39.74 8.56 -29.09
N GLU A 146 -40.06 8.09 -30.29
CA GLU A 146 -41.17 8.68 -31.02
C GLU A 146 -42.48 8.49 -30.27
N GLU A 147 -42.70 7.30 -29.70
CA GLU A 147 -43.90 7.09 -28.90
C GLU A 147 -43.92 8.02 -27.70
N TRP A 148 -42.75 8.31 -27.12
CA TRP A 148 -42.69 9.33 -26.08
C TRP A 148 -43.16 10.68 -26.61
N LEU A 149 -42.77 11.01 -27.83
CA LEU A 149 -43.15 12.31 -28.40
C LEU A 149 -44.67 12.40 -28.60
N ILE A 150 -45.29 11.38 -29.20
CA ILE A 150 -46.74 11.40 -29.34
C ILE A 150 -47.42 11.42 -27.98
N LEU A 151 -46.93 10.63 -27.02
CA LEU A 151 -47.55 10.62 -25.71
C LEU A 151 -47.50 12.00 -25.06
N GLY A 152 -46.36 12.68 -25.16
CA GLY A 152 -46.24 14.01 -24.59
C GLY A 152 -47.12 15.03 -25.28
N ALA A 153 -47.20 14.96 -26.61
CA ALA A 153 -47.97 15.95 -27.37
C ALA A 153 -49.47 15.78 -27.16
N GLU A 154 -49.97 14.55 -27.26
CA GLU A 154 -51.41 14.32 -27.27
C GLU A 154 -52.03 14.11 -25.89
N TYR A 155 -51.23 13.85 -24.87
CA TYR A 155 -51.75 13.49 -23.55
C TYR A 155 -51.17 14.39 -22.47
N SER A 156 -51.93 14.55 -21.39
CA SER A 156 -51.49 15.28 -20.22
C SER A 156 -50.59 14.40 -19.35
N PRO A 157 -49.68 14.98 -18.58
CA PRO A 157 -48.77 14.15 -17.78
C PRO A 157 -49.48 13.25 -16.78
N GLU A 158 -50.59 13.71 -16.21
CA GLU A 158 -51.30 12.91 -15.22
C GLU A 158 -51.79 11.60 -15.80
N GLU A 159 -52.33 11.64 -17.02
CA GLU A 159 -52.72 10.41 -17.71
C GLU A 159 -51.55 9.73 -18.40
N ILE A 160 -50.50 10.48 -18.75
CA ILE A 160 -49.31 9.83 -19.30
C ILE A 160 -48.72 8.85 -18.30
N TRP A 161 -48.63 9.26 -17.02
CA TRP A 161 -48.08 8.35 -16.01
C TRP A 161 -48.91 7.09 -15.89
N GLU A 162 -50.24 7.22 -15.87
CA GLU A 162 -51.10 6.04 -15.78
C GLU A 162 -50.92 5.14 -16.99
N GLN A 163 -50.77 5.74 -18.17
CA GLN A 163 -50.57 4.95 -19.38
C GLN A 163 -49.21 4.25 -19.40
N VAL A 164 -48.21 4.82 -18.72
CA VAL A 164 -46.83 4.39 -18.89
C VAL A 164 -46.35 3.52 -17.74
N ALA A 165 -46.84 3.79 -16.53
CA ALA A 165 -46.27 3.18 -15.33
C ALA A 165 -46.20 1.65 -15.38
N PRO A 166 -47.25 0.91 -15.78
CA PRO A 166 -47.12 -0.55 -15.86
C PRO A 166 -46.15 -1.01 -16.93
N ARG A 167 -45.85 -0.18 -17.93
CA ARG A 167 -45.02 -0.62 -19.05
C ARG A 167 -43.55 -0.69 -18.70
N ILE A 168 -43.08 0.17 -17.79
CA ILE A 168 -41.66 0.34 -17.54
C ILE A 168 -41.24 -0.30 -16.21
N VAL A 169 -41.99 -1.28 -15.72
CA VAL A 169 -41.63 -1.94 -14.47
C VAL A 169 -40.47 -2.90 -14.73
N ASN A 170 -39.53 -2.97 -13.78
CA ASN A 170 -38.30 -3.81 -13.89
C ASN A 170 -38.66 -5.28 -13.70
N VAL A 171 -38.38 -6.15 -14.67
CA VAL A 171 -38.86 -7.56 -14.62
C VAL A 171 -37.86 -8.48 -13.92
N ASP A 172 -36.73 -7.97 -13.49
CA ASP A 172 -35.74 -8.77 -12.73
C ASP A 172 -35.96 -8.58 -11.25
N ARG A 173 -37.03 -7.95 -10.84
CA ARG A 173 -37.21 -7.79 -9.40
C ARG A 173 -37.91 -9.04 -8.87
N SER A 174 -38.45 -9.89 -9.72
CA SER A 174 -39.15 -11.09 -9.23
C SER A 174 -38.36 -12.36 -9.49
N LEU A 175 -37.06 -12.31 -9.70
CA LEU A 175 -36.33 -13.57 -9.98
C LEU A 175 -36.18 -14.39 -8.72
N GLY A 176 -35.81 -13.81 -7.60
CA GLY A 176 -35.59 -14.55 -6.38
C GLY A 176 -36.80 -15.35 -5.96
N LYS A 177 -37.98 -14.72 -5.97
CA LYS A 177 -39.20 -15.42 -5.61
C LYS A 177 -39.44 -16.60 -6.54
N GLN A 178 -39.03 -16.52 -7.80
CA GLN A 178 -39.16 -17.65 -8.70
C GLN A 178 -38.28 -18.82 -8.25
N LEU A 179 -37.07 -18.52 -7.76
CA LEU A 179 -36.16 -19.59 -7.36
C LEU A 179 -36.65 -20.25 -6.07
N ARG A 180 -37.03 -19.46 -5.09
CA ARG A 180 -37.40 -19.99 -3.78
C ARG A 180 -38.54 -20.99 -3.87
N GLU A 181 -39.56 -20.67 -4.66
CA GLU A 181 -40.68 -21.58 -4.81
C GLU A 181 -40.31 -22.83 -5.59
N ARG A 182 -39.30 -22.72 -6.47
CA ARG A 182 -38.98 -23.85 -7.34
C ARG A 182 -37.96 -24.78 -6.71
N LEU A 183 -37.01 -24.24 -5.95
CA LEU A 183 -36.00 -25.04 -5.28
C LEU A 183 -36.28 -25.28 -3.81
N GLY A 184 -37.35 -24.72 -3.27
CA GLY A 184 -37.66 -24.90 -1.86
C GLY A 184 -36.61 -24.36 -0.91
N ILE A 185 -36.09 -23.18 -1.19
CA ILE A 185 -35.07 -22.57 -0.33
C ILE A 185 -35.71 -22.15 0.99
N LYS A 186 -35.08 -22.52 2.10
CA LYS A 186 -35.55 -22.12 3.42
C LYS A 186 -34.38 -21.62 4.24
N CYS A 187 -34.53 -20.44 4.83
CA CYS A 187 -33.59 -19.92 5.80
C CYS A 187 -34.13 -20.19 7.20
N ARG A 188 -33.44 -19.70 8.22
CA ARG A 188 -33.85 -20.00 9.59
C ARG A 188 -35.03 -19.16 10.04
N ARG A 189 -35.16 -17.92 9.56
CA ARG A 189 -36.26 -17.04 9.92
C ARG A 189 -36.90 -16.47 8.67
N PRO A 190 -37.71 -17.27 7.98
CA PRO A 190 -38.27 -16.84 6.69
C PRO A 190 -39.42 -15.85 6.80
N HIS A 191 -39.73 -15.32 7.98
CA HIS A 191 -40.82 -14.36 8.14
C HIS A 191 -40.33 -13.01 8.66
N ASP A 192 -39.03 -12.73 8.57
CA ASP A 192 -38.44 -11.49 9.02
C ASP A 192 -37.77 -10.82 7.82
N ALA A 193 -38.22 -9.61 7.47
CA ALA A 193 -37.70 -8.95 6.28
C ALA A 193 -36.29 -8.41 6.51
N GLY A 194 -36.05 -7.79 7.66
CA GLY A 194 -34.72 -7.26 7.94
C GLY A 194 -33.66 -8.33 8.00
N TYR A 195 -34.00 -9.48 8.59
CA TYR A 195 -33.08 -10.61 8.64
C TYR A 195 -32.68 -11.04 7.24
N CYS A 196 -33.66 -11.18 6.35
CA CYS A 196 -33.39 -11.61 4.98
C CYS A 196 -32.54 -10.57 4.25
N LYS A 197 -32.84 -9.29 4.46
CA LYS A 197 -32.06 -8.25 3.79
C LYS A 197 -30.60 -8.28 4.23
N ILE A 198 -30.36 -8.38 5.54
CA ILE A 198 -28.97 -8.42 6.03
C ILE A 198 -28.24 -9.64 5.50
N LEU A 199 -28.90 -10.80 5.57
CA LEU A 199 -28.26 -12.03 5.11
C LEU A 199 -27.90 -11.96 3.64
N MET A 200 -28.85 -11.49 2.81
CA MET A 200 -28.59 -11.42 1.38
C MET A 200 -27.45 -10.47 1.08
N GLU A 201 -27.41 -9.30 1.74
CA GLU A 201 -26.36 -8.36 1.37
C GLU A 201 -24.98 -8.83 1.84
N VAL A 202 -24.89 -9.51 2.99
CA VAL A 202 -23.59 -10.04 3.41
C VAL A 202 -23.10 -11.12 2.45
N VAL A 203 -23.98 -12.04 2.08
CA VAL A 203 -23.60 -13.11 1.15
C VAL A 203 -23.17 -12.51 -0.19
N ALA A 204 -23.92 -11.53 -0.68
CA ALA A 204 -23.58 -10.90 -1.95
C ALA A 204 -22.23 -10.20 -1.89
N ARG A 205 -21.93 -9.54 -0.76
CA ARG A 205 -20.62 -8.90 -0.62
C ARG A 205 -19.49 -9.91 -0.76
N GLN A 206 -19.61 -11.04 -0.06
CA GLN A 206 -18.53 -12.03 -0.12
C GLN A 206 -18.38 -12.60 -1.54
N LEU A 207 -19.50 -12.92 -2.18
CA LEU A 207 -19.41 -13.48 -3.53
C LEU A 207 -18.85 -12.48 -4.53
N ARG A 208 -19.22 -11.20 -4.40
CA ARG A 208 -18.70 -10.19 -5.33
C ARG A 208 -17.21 -10.00 -5.16
N SER A 209 -16.73 -10.02 -3.92
CA SER A 209 -15.29 -9.94 -3.68
C SER A 209 -14.56 -11.08 -4.40
N HIS A 210 -15.05 -12.31 -4.23
CA HIS A 210 -14.36 -13.41 -4.90
C HIS A 210 -14.47 -13.31 -6.41
N ASN A 211 -15.60 -12.83 -6.94
CA ASN A 211 -15.76 -12.72 -8.38
C ASN A 211 -14.71 -11.81 -8.99
N GLU A 212 -14.52 -10.62 -8.39
CA GLU A 212 -13.53 -9.70 -8.92
C GLU A 212 -12.12 -10.27 -8.80
N THR A 213 -11.80 -10.87 -7.65
CA THR A 213 -10.47 -11.47 -7.49
C THR A 213 -10.21 -12.53 -8.55
N TYR A 214 -11.19 -13.41 -8.77
CA TYR A 214 -11.05 -14.50 -9.72
C TYR A 214 -10.79 -13.99 -11.13
N HIS A 215 -11.55 -12.98 -11.56
CA HIS A 215 -11.36 -12.50 -12.93
C HIS A 215 -10.03 -11.78 -13.10
N GLU A 216 -9.60 -10.98 -12.12
CA GLU A 216 -8.29 -10.34 -12.29
C GLU A 216 -7.16 -11.38 -12.27
N TYR A 217 -7.30 -12.45 -11.49
CA TYR A 217 -6.30 -13.51 -11.49
C TYR A 217 -6.16 -14.14 -12.86
N LEU A 218 -7.30 -14.52 -13.47
CA LEU A 218 -7.24 -15.15 -14.78
C LEU A 218 -6.71 -14.19 -15.84
N ASN A 219 -6.94 -12.89 -15.68
CA ASN A 219 -6.38 -11.94 -16.64
C ASN A 219 -4.86 -11.82 -16.47
N GLN A 220 -4.38 -11.74 -15.23
CA GLN A 220 -2.96 -11.55 -14.99
C GLN A 220 -2.14 -12.75 -15.47
N THR A 221 -2.68 -13.96 -15.35
CA THR A 221 -1.94 -15.11 -15.87
C THR A 221 -1.66 -14.97 -17.35
N HIS A 222 -2.67 -14.59 -18.14
CA HIS A 222 -2.49 -14.42 -19.57
C HIS A 222 -1.53 -13.27 -19.87
N GLU A 223 -1.61 -12.19 -19.09
CA GLU A 223 -0.69 -11.09 -19.28
C GLU A 223 0.76 -11.54 -19.12
N MET A 224 1.04 -12.32 -18.07
CA MET A 224 2.39 -12.82 -17.85
C MET A 224 2.82 -13.74 -18.99
N LYS A 225 1.92 -14.60 -19.47
CA LYS A 225 2.29 -15.51 -20.56
C LYS A 225 2.67 -14.72 -21.81
N THR A 226 1.87 -13.70 -22.16
CA THR A 226 2.18 -12.89 -23.33
C THR A 226 3.50 -12.15 -23.17
N LYS A 227 3.74 -11.59 -21.98
CA LYS A 227 4.99 -10.87 -21.76
C LYS A 227 6.20 -11.79 -21.89
N VAL A 228 6.09 -13.01 -21.38
CA VAL A 228 7.19 -13.96 -21.57
C VAL A 228 7.38 -14.27 -23.04
N ALA A 229 6.27 -14.50 -23.76
CA ALA A 229 6.38 -14.90 -25.16
C ALA A 229 6.91 -13.79 -26.06
N ASN A 230 6.82 -12.53 -25.65
CA ASN A 230 7.27 -11.44 -26.51
C ASN A 230 8.78 -11.23 -26.49
N ASN A 231 9.51 -11.84 -25.56
CA ASN A 231 10.95 -11.59 -25.42
C ASN A 231 11.70 -12.91 -25.59
N LEU A 232 12.24 -13.14 -26.78
CA LEU A 232 12.96 -14.37 -27.10
C LEU A 232 14.22 -14.00 -27.87
N THR A 233 15.38 -14.28 -27.28
CA THR A 233 16.68 -14.04 -27.89
C THR A 233 17.57 -15.26 -27.68
N ASN A 234 18.77 -15.22 -28.23
CA ASN A 234 19.72 -16.31 -28.05
C ASN A 234 20.19 -16.40 -26.61
N GLU A 235 20.42 -15.25 -25.96
CA GLU A 235 20.87 -15.24 -24.58
C GLU A 235 19.83 -15.86 -23.66
N PHE A 236 18.54 -15.66 -23.95
CA PHE A 236 17.50 -16.28 -23.15
C PHE A 236 17.56 -17.80 -23.23
N ASP A 237 17.77 -18.34 -24.44
CA ASP A 237 17.92 -19.78 -24.59
C ASP A 237 19.13 -20.30 -23.84
N LEU A 238 20.26 -19.58 -23.94
CA LEU A 238 21.46 -20.02 -23.24
C LEU A 238 21.26 -19.99 -21.73
N VAL A 239 20.59 -18.96 -21.21
CA VAL A 239 20.36 -18.87 -19.77
C VAL A 239 19.42 -19.98 -19.32
N CYS A 240 18.40 -20.30 -20.12
CA CYS A 240 17.53 -21.42 -19.77
C CYS A 240 18.30 -22.73 -19.72
N GLU A 241 19.18 -22.96 -20.69
CA GLU A 241 19.98 -24.18 -20.69
C GLU A 241 20.89 -24.23 -19.47
N PHE A 242 21.52 -23.11 -19.13
CA PHE A 242 22.40 -23.05 -17.97
C PHE A 242 21.63 -23.34 -16.69
N ALA A 243 20.44 -22.76 -16.55
CA ALA A 243 19.64 -22.98 -15.36
C ALA A 243 19.19 -24.44 -15.26
N GLU A 244 18.85 -25.09 -16.35
CA GLU A 244 18.43 -26.51 -16.26
C GLU A 244 19.57 -27.38 -15.76
N VAL A 245 20.77 -27.14 -16.27
CA VAL A 245 21.98 -27.94 -15.94
C VAL A 245 22.30 -27.82 -14.46
N LEU A 246 22.18 -26.62 -13.91
CA LEU A 246 22.45 -26.42 -12.47
C LEU A 246 21.41 -27.13 -11.61
N GLU A 247 20.13 -27.16 -11.98
CA GLU A 247 19.08 -27.80 -11.14
C GLU A 247 19.28 -29.31 -11.01
N GLU A 248 19.91 -29.96 -11.98
CA GLU A 248 20.21 -31.41 -11.90
C GLU A 248 21.24 -31.70 -10.82
N LYS A 249 22.06 -30.72 -10.46
CA LYS A 249 23.09 -30.90 -9.41
C LYS A 249 22.57 -30.32 -8.09
N ASN A 250 21.30 -29.93 -8.13
CA ASN A 250 20.60 -29.29 -7.00
C ASN A 250 21.29 -27.96 -6.68
N TYR A 251 21.60 -27.16 -7.69
CA TYR A 251 22.25 -25.86 -7.43
C TYR A 251 21.33 -24.66 -7.72
N GLY A 252 20.79 -24.49 -8.91
CA GLY A 252 19.96 -23.32 -9.14
C GLY A 252 20.75 -22.08 -9.50
N LEU A 253 20.06 -21.12 -10.09
CA LEU A 253 20.68 -19.93 -10.65
C LEU A 253 20.37 -18.70 -9.81
N GLY A 254 21.20 -17.67 -9.98
CA GLY A 254 20.97 -16.37 -9.38
C GLY A 254 21.71 -15.33 -10.18
N TRP A 255 21.33 -14.06 -9.97
CA TRP A 255 21.97 -12.98 -10.72
C TRP A 255 23.44 -12.86 -10.33
N TYR A 256 23.74 -12.87 -9.03
CA TYR A 256 25.13 -12.81 -8.61
C TYR A 256 25.90 -14.04 -9.11
N VAL A 257 25.29 -15.22 -9.00
CA VAL A 257 25.97 -16.43 -9.43
C VAL A 257 26.33 -16.34 -10.91
N LEU A 258 25.36 -15.97 -11.75
CA LEU A 258 25.61 -15.88 -13.19
C LEU A 258 26.64 -14.81 -13.51
N TRP A 259 26.47 -13.61 -12.96
CA TRP A 259 27.35 -12.50 -13.28
C TRP A 259 28.78 -12.76 -12.82
N GLN A 260 28.95 -13.16 -11.57
CA GLN A 260 30.29 -13.41 -11.05
C GLN A 260 30.91 -14.66 -11.65
N GLY A 261 30.10 -15.65 -12.04
CA GLY A 261 30.65 -16.81 -12.72
C GLY A 261 31.17 -16.47 -14.09
N VAL A 262 30.45 -15.62 -14.84
CA VAL A 262 30.96 -15.14 -16.12
C VAL A 262 32.23 -14.34 -15.91
N LYS A 263 32.27 -13.52 -14.84
CA LYS A 263 33.46 -12.73 -14.56
C LYS A 263 34.66 -13.61 -14.24
N GLN A 264 34.46 -14.67 -13.44
CA GLN A 264 35.55 -15.52 -13.00
C GLN A 264 35.92 -16.60 -13.99
N ALA A 265 35.08 -16.88 -14.98
CA ALA A 265 35.38 -17.96 -15.93
C ALA A 265 36.48 -17.56 -16.89
N LEU A 266 36.52 -16.28 -17.29
CA LEU A 266 37.55 -15.82 -18.21
C LEU A 266 38.94 -15.90 -17.58
N LYS A 267 39.04 -15.57 -16.29
CA LYS A 267 40.31 -15.57 -15.59
C LYS A 267 40.56 -16.93 -14.95
N GLU A 268 41.74 -17.49 -15.18
CA GLU A 268 42.09 -18.76 -14.56
C GLU A 268 42.17 -18.61 -13.05
N GLN A 269 41.75 -19.65 -12.34
CA GLN A 269 41.68 -19.62 -10.88
C GLN A 269 42.46 -20.78 -10.29
N LYS A 270 42.95 -20.57 -9.07
CA LYS A 270 43.67 -21.58 -8.31
C LYS A 270 42.92 -22.03 -7.07
N LYS A 271 42.55 -21.09 -6.20
CA LYS A 271 41.79 -21.39 -5.01
C LYS A 271 40.33 -21.64 -5.35
N PRO A 272 39.70 -22.63 -4.71
CA PRO A 272 38.27 -22.87 -4.96
C PRO A 272 37.42 -21.71 -4.48
N THR A 273 36.33 -21.46 -5.19
CA THR A 273 35.42 -20.36 -4.90
C THR A 273 34.09 -20.92 -4.41
N LYS A 274 33.31 -20.03 -3.80
CA LYS A 274 31.96 -20.35 -3.25
C LYS A 274 31.09 -20.80 -4.41
N ILE A 275 31.20 -20.14 -5.56
CA ILE A 275 30.49 -20.51 -6.79
C ILE A 275 31.50 -21.25 -7.67
N GLN A 276 31.57 -22.55 -7.49
CA GLN A 276 32.48 -23.38 -8.27
C GLN A 276 31.78 -24.28 -9.27
N ILE A 277 30.63 -24.84 -8.92
CA ILE A 277 29.86 -25.63 -9.88
C ILE A 277 29.47 -24.77 -11.07
N ALA A 278 29.00 -23.55 -10.81
CA ALA A 278 28.62 -22.65 -11.89
C ALA A 278 29.81 -22.29 -12.77
N VAL A 279 30.97 -22.01 -12.16
CA VAL A 279 32.15 -21.67 -12.94
C VAL A 279 32.58 -22.85 -13.81
N ASP A 280 32.59 -24.05 -13.23
CA ASP A 280 32.98 -25.24 -13.99
C ASP A 280 32.04 -25.49 -15.16
N GLN A 281 30.74 -25.30 -14.95
CA GLN A 281 29.80 -25.45 -16.06
C GLN A 281 29.99 -24.35 -17.09
N LEU A 282 30.36 -23.13 -16.65
CA LEU A 282 30.49 -22.02 -17.58
C LEU A 282 31.73 -22.15 -18.45
N ARG A 283 32.77 -22.81 -17.95
CA ARG A 283 33.96 -23.01 -18.77
C ARG A 283 33.77 -24.09 -19.84
N GLN A 284 32.65 -24.80 -19.83
CA GLN A 284 32.38 -25.77 -20.87
C GLN A 284 32.17 -25.07 -22.21
N PRO A 285 32.51 -25.74 -23.33
CA PRO A 285 32.40 -25.07 -24.63
C PRO A 285 30.99 -24.63 -24.98
N LYS A 286 29.96 -25.38 -24.57
CA LYS A 286 28.61 -25.12 -25.04
C LYS A 286 28.01 -23.84 -24.47
N PHE A 287 28.66 -23.21 -23.50
CA PHE A 287 28.22 -21.93 -22.95
C PHE A 287 29.17 -20.79 -23.31
N ALA A 288 29.86 -20.91 -24.45
CA ALA A 288 30.77 -19.85 -24.87
C ALA A 288 30.01 -18.60 -25.28
N GLY A 289 28.78 -18.74 -25.75
CA GLY A 289 28.00 -17.58 -26.13
C GLY A 289 27.62 -16.70 -24.97
N LEU A 290 27.56 -17.26 -23.76
CA LEU A 290 27.24 -16.46 -22.58
C LEU A 290 28.41 -15.58 -22.17
N LEU A 291 29.64 -16.00 -22.46
CA LEU A 291 30.82 -15.26 -22.01
C LEU A 291 31.05 -13.99 -22.81
N THR A 292 30.52 -13.89 -24.03
CA THR A 292 30.72 -12.72 -24.88
C THR A 292 29.50 -11.84 -24.98
N ALA A 293 28.46 -12.12 -24.20
CA ALA A 293 27.24 -11.33 -24.24
C ALA A 293 27.44 -9.98 -23.57
N LYS A 294 26.66 -9.00 -23.98
CA LYS A 294 26.76 -7.66 -23.40
C LYS A 294 25.88 -7.58 -22.16
N TRP A 295 26.23 -6.66 -21.26
CA TRP A 295 25.61 -6.62 -19.94
C TRP A 295 24.11 -6.41 -20.01
N ARG A 296 23.66 -5.52 -20.90
CA ARG A 296 22.22 -5.26 -21.02
C ARG A 296 21.48 -6.50 -21.48
N ALA A 297 22.02 -7.20 -22.47
CA ALA A 297 21.37 -8.41 -22.97
C ALA A 297 21.34 -9.50 -21.89
N LEU A 298 22.43 -9.63 -21.14
CA LEU A 298 22.47 -10.63 -20.07
C LEU A 298 21.43 -10.32 -18.99
N LYS A 299 21.33 -9.05 -18.60
CA LYS A 299 20.34 -8.67 -17.60
C LYS A 299 18.92 -8.92 -18.09
N GLY A 300 18.65 -8.58 -19.35
CA GLY A 300 17.32 -8.83 -19.91
C GLY A 300 16.98 -10.30 -19.97
N ALA A 301 17.95 -11.13 -20.37
CA ALA A 301 17.71 -12.57 -20.41
C ALA A 301 17.44 -13.12 -19.01
N TYR A 302 18.19 -12.65 -18.02
CA TYR A 302 17.94 -13.09 -16.65
C TYR A 302 16.55 -12.67 -16.18
N ASP A 303 16.14 -11.45 -16.51
CA ASP A 303 14.81 -10.99 -16.10
C ASP A 303 13.72 -11.84 -16.73
N THR A 304 13.85 -12.15 -18.03
CA THR A 304 12.84 -12.98 -18.67
C THR A 304 12.81 -14.38 -18.10
N TRP A 305 13.98 -14.95 -17.78
CA TRP A 305 14.01 -16.28 -17.15
C TRP A 305 13.35 -16.25 -15.77
N LYS A 306 13.59 -15.20 -15.01
CA LYS A 306 12.94 -15.06 -13.70
C LYS A 306 11.44 -14.98 -13.85
N LEU A 307 10.96 -14.22 -14.83
CA LEU A 307 9.53 -14.12 -15.07
C LEU A 307 8.94 -15.47 -15.47
N LYS A 308 9.65 -16.23 -16.30
CA LYS A 308 9.19 -17.56 -16.69
C LYS A 308 9.11 -18.48 -15.49
N LYS A 309 10.11 -18.45 -14.61
CA LYS A 309 10.09 -19.30 -13.42
C LYS A 309 8.95 -18.94 -12.49
N ARG A 310 8.68 -17.64 -12.32
CA ARG A 310 7.51 -17.25 -11.54
C ARG A 310 6.21 -17.69 -12.19
N LEU A 311 6.11 -17.62 -13.51
CA LEU A 311 4.89 -18.03 -14.19
C LEU A 311 4.62 -19.51 -14.01
N GLU A 312 5.66 -20.34 -14.10
CA GLU A 312 5.44 -21.79 -13.95
C GLU A 312 5.06 -22.19 -12.53
N LYS A 313 5.19 -21.28 -11.56
CA LYS A 313 4.91 -21.60 -10.16
C LYS A 313 3.44 -21.41 -9.80
N ARG A 314 2.69 -20.62 -10.56
CA ARG A 314 1.32 -20.29 -10.21
C ARG A 314 0.40 -21.50 -10.34
N LYS A 315 -0.66 -21.50 -9.53
CA LYS A 315 -1.72 -22.49 -9.65
C LYS A 315 -2.62 -22.14 -10.83
N ALA A 316 -3.48 -23.10 -11.19
CA ALA A 316 -4.41 -22.86 -12.31
C ALA A 316 -5.52 -21.91 -11.91
N PHE A 317 -6.01 -22.02 -10.68
CA PHE A 317 -7.10 -21.21 -10.17
C PHE A 317 -6.80 -20.87 -8.72
N PRO A 318 -7.43 -19.82 -8.18
CA PRO A 318 -7.27 -19.54 -6.75
C PRO A 318 -7.99 -20.57 -5.90
N TYR A 319 -7.61 -20.60 -4.62
CA TYR A 319 -8.26 -21.47 -3.66
C TYR A 319 -9.72 -21.06 -3.47
N MET A 320 -10.56 -22.05 -3.16
CA MET A 320 -11.90 -21.74 -2.69
C MET A 320 -11.81 -21.01 -1.35
N PRO A 321 -12.54 -19.91 -1.16
CA PRO A 321 -12.40 -19.14 0.07
C PRO A 321 -12.89 -19.93 1.29
N ASN A 322 -12.38 -19.53 2.45
CA ASN A 322 -12.75 -20.12 3.72
C ASN A 322 -13.77 -19.21 4.40
N TRP A 323 -14.98 -19.73 4.62
CA TRP A 323 -16.08 -18.94 5.16
C TRP A 323 -16.25 -19.10 6.66
N ASP A 324 -15.30 -19.73 7.35
CA ASP A 324 -15.52 -20.12 8.74
C ASP A 324 -15.45 -18.96 9.72
N ASN A 325 -14.60 -17.97 9.46
CA ASN A 325 -14.43 -16.88 10.41
C ASN A 325 -15.63 -15.93 10.39
N ASP A 326 -15.83 -15.24 11.51
CA ASP A 326 -17.00 -14.40 11.66
C ASP A 326 -16.92 -13.14 10.79
N TYR A 327 -18.09 -12.62 10.44
CA TYR A 327 -18.24 -11.43 9.63
C TYR A 327 -18.79 -10.30 10.48
N GLN A 328 -18.47 -9.06 10.13
CA GLN A 328 -19.06 -7.92 10.85
C GLN A 328 -20.44 -7.74 10.28
N ILE A 329 -21.47 -7.82 11.09
CA ILE A 329 -22.88 -7.77 10.70
C ILE A 329 -23.34 -6.31 10.74
N PRO A 330 -23.72 -5.73 9.61
CA PRO A 330 -24.17 -4.34 9.59
C PRO A 330 -25.68 -4.20 9.71
N VAL A 331 -26.11 -3.21 10.49
CA VAL A 331 -27.51 -2.86 10.60
C VAL A 331 -27.66 -1.35 10.45
N GLY A 332 -28.61 -0.93 9.63
CA GLY A 332 -28.78 0.46 9.25
C GLY A 332 -30.11 1.06 9.65
N LEU A 333 -30.52 2.14 9.00
CA LEU A 333 -31.66 2.92 9.44
C LEU A 333 -32.77 3.05 8.41
N THR A 334 -32.57 2.61 7.18
CA THR A 334 -33.65 2.76 6.18
C THR A 334 -34.09 1.42 5.60
N GLY A 335 -33.95 0.31 6.30
CA GLY A 335 -34.42 -0.96 5.77
C GLY A 335 -33.63 -2.20 6.14
N LEU A 336 -32.31 -2.11 6.27
CA LEU A 336 -31.51 -3.29 6.60
C LEU A 336 -31.97 -3.90 7.90
N GLY A 337 -32.06 -3.09 8.94
CA GLY A 337 -32.65 -3.50 10.18
C GLY A 337 -33.20 -2.27 10.86
N VAL A 338 -33.35 -2.33 12.18
CA VAL A 338 -33.74 -1.17 12.96
C VAL A 338 -32.85 -1.12 14.20
N PHE A 339 -32.29 0.04 14.48
CA PHE A 339 -31.59 0.25 15.74
C PHE A 339 -31.82 1.67 16.18
N THR A 340 -31.83 1.88 17.50
CA THR A 340 -31.81 3.22 18.05
C THR A 340 -30.63 3.34 19.02
N LEU A 341 -30.07 4.54 19.07
CA LEU A 341 -28.87 4.80 19.84
C LEU A 341 -29.19 5.79 20.95
N GLU A 342 -28.77 5.47 22.17
CA GLU A 342 -29.01 6.37 23.30
C GLU A 342 -27.75 6.46 24.13
N VAL A 343 -27.18 7.66 24.23
CA VAL A 343 -26.00 7.89 25.06
C VAL A 343 -26.47 8.31 26.44
N LYS A 344 -26.13 7.52 27.45
CA LYS A 344 -26.51 7.79 28.82
C LYS A 344 -25.27 8.17 29.63
N ARG A 345 -25.45 8.38 30.93
CA ARG A 345 -24.37 8.89 31.76
C ARG A 345 -23.22 7.89 31.85
N THR A 346 -23.52 6.61 32.02
CA THR A 346 -22.50 5.60 32.22
C THR A 346 -22.52 4.48 31.18
N GLU A 347 -23.42 4.54 30.21
CA GLU A 347 -23.56 3.46 29.24
C GLU A 347 -23.99 4.03 27.91
N VAL A 348 -23.81 3.22 26.86
CA VAL A 348 -24.43 3.45 25.56
C VAL A 348 -25.41 2.31 25.31
N VAL A 349 -26.66 2.64 25.05
CA VAL A 349 -27.71 1.65 24.86
C VAL A 349 -28.06 1.60 23.39
N VAL A 350 -27.92 0.42 22.78
CA VAL A 350 -28.34 0.18 21.41
C VAL A 350 -29.56 -0.71 21.46
N ASP A 351 -30.65 -0.25 20.86
CA ASP A 351 -31.93 -0.94 20.89
C ASP A 351 -32.21 -1.55 19.53
N LEU A 352 -32.17 -2.88 19.47
CA LEU A 352 -32.75 -3.65 18.38
C LEU A 352 -34.14 -4.07 18.83
N LYS A 353 -35.13 -3.72 18.06
CA LYS A 353 -36.51 -3.88 18.57
C LYS A 353 -36.76 -5.25 19.16
N GLU A 354 -36.76 -6.27 18.33
CA GLU A 354 -37.20 -7.59 18.78
C GLU A 354 -36.03 -8.53 19.01
N HIS A 355 -34.80 -8.02 19.04
CA HIS A 355 -33.62 -8.83 19.29
C HIS A 355 -32.85 -8.35 20.51
N GLY A 356 -33.51 -7.64 21.42
CA GLY A 356 -32.91 -7.26 22.68
C GLY A 356 -32.16 -5.95 22.63
N LYS A 357 -31.61 -5.59 23.78
CA LYS A 357 -30.86 -4.36 23.96
C LYS A 357 -29.42 -4.69 24.29
N LEU A 358 -28.50 -3.88 23.78
CA LEU A 358 -27.07 -4.01 24.05
C LEU A 358 -26.63 -2.84 24.92
N PHE A 359 -25.97 -3.15 26.02
CA PHE A 359 -25.41 -2.14 26.93
C PHE A 359 -23.90 -2.17 26.77
N CYS A 360 -23.34 -1.02 26.36
CA CYS A 360 -21.94 -0.82 26.00
C CYS A 360 -21.33 0.21 26.92
N SER A 361 -20.00 0.22 26.96
CA SER A 361 -19.26 1.14 27.80
C SER A 361 -18.69 2.28 26.97
N HIS A 362 -18.10 3.26 27.65
CA HIS A 362 -17.54 4.45 27.02
C HIS A 362 -16.07 4.25 26.68
N SER A 363 -15.59 4.96 25.69
CA SER A 363 -14.18 4.98 25.25
C SER A 363 -13.59 6.33 25.56
N HIS A 364 -12.29 6.38 25.63
CA HIS A 364 -11.55 7.64 25.59
C HIS A 364 -11.34 8.14 24.17
N TYR A 365 -11.53 7.27 23.18
CA TYR A 365 -11.53 7.72 21.79
C TYR A 365 -12.79 8.53 21.49
N PHE A 366 -13.94 8.07 21.95
CA PHE A 366 -15.20 8.79 21.81
C PHE A 366 -15.47 9.59 23.09
N GLY A 367 -14.61 10.58 23.32
CA GLY A 367 -14.69 11.34 24.56
C GLY A 367 -15.79 12.38 24.51
N ASP A 368 -16.54 12.47 25.62
CA ASP A 368 -17.65 13.41 25.76
C ASP A 368 -18.64 13.26 24.60
N LEU A 369 -18.92 12.01 24.23
CA LEU A 369 -19.73 11.74 23.05
C LEU A 369 -21.17 12.19 23.24
N THR A 370 -21.73 12.82 22.21
CA THR A 370 -23.15 13.11 22.14
C THR A 370 -23.67 12.74 20.76
N ALA A 371 -24.90 12.22 20.73
CA ALA A 371 -25.55 11.84 19.49
C ALA A 371 -26.92 12.52 19.42
N GLU A 372 -27.22 13.13 18.28
CA GLU A 372 -28.50 13.81 18.07
C GLU A 372 -29.23 13.13 16.92
N LYS A 373 -30.51 12.84 17.11
CA LYS A 373 -31.29 12.10 16.14
C LYS A 373 -31.87 13.05 15.08
N HIS A 374 -31.75 12.64 13.82
CA HIS A 374 -32.26 13.36 12.67
C HIS A 374 -33.18 12.42 11.90
N PRO A 375 -33.84 12.87 10.82
CA PRO A 375 -34.79 11.97 10.13
C PRO A 375 -34.21 10.62 9.72
N SER A 376 -32.98 10.55 9.22
CA SER A 376 -32.44 9.27 8.78
C SER A 376 -30.96 9.13 9.11
N ARG A 377 -30.52 9.75 10.20
CA ARG A 377 -29.12 9.70 10.58
C ARG A 377 -28.96 10.19 12.01
N TYR A 378 -27.76 10.02 12.53
CA TYR A 378 -27.37 10.58 13.82
C TYR A 378 -26.21 11.54 13.60
N HIS A 379 -26.20 12.63 14.35
CA HIS A 379 -25.07 13.56 14.36
C HIS A 379 -24.24 13.29 15.61
N LEU A 380 -22.98 12.96 15.40
CA LEU A 380 -22.05 12.59 16.46
C LEU A 380 -21.10 13.75 16.73
N LYS A 381 -20.90 14.06 18.01
CA LYS A 381 -19.96 15.10 18.41
C LYS A 381 -19.12 14.58 19.58
N PHE A 382 -17.80 14.57 19.42
CA PHE A 382 -16.95 14.02 20.47
C PHE A 382 -15.53 14.62 20.34
N ARG A 383 -14.63 14.14 21.18
CA ARG A 383 -13.23 14.57 21.25
C ARG A 383 -12.39 13.42 21.76
N HIS A 384 -11.07 13.52 21.59
CA HIS A 384 -10.15 12.53 22.14
C HIS A 384 -9.58 13.00 23.46
N LYS A 385 -9.26 12.04 24.33
CA LYS A 385 -8.71 12.33 25.64
C LYS A 385 -7.56 11.36 25.94
N LEU A 386 -6.64 11.80 26.79
CA LEU A 386 -5.57 10.91 27.24
C LEU A 386 -6.11 9.86 28.20
N LYS A 387 -5.68 8.62 28.00
CA LYS A 387 -6.01 7.52 28.88
C LYS A 387 -4.82 7.31 29.82
N LEU A 388 -5.02 7.62 31.10
CA LEU A 388 -4.00 7.48 32.12
C LEU A 388 -4.50 6.49 33.16
N ARG A 389 -4.08 5.23 33.05
CA ARG A 389 -4.57 4.20 33.95
C ARG A 389 -3.96 4.32 35.34
N LYS A 390 -2.80 4.93 35.46
CA LYS A 390 -2.23 5.17 36.78
C LYS A 390 -3.03 6.26 37.49
N ARG A 391 -3.53 5.95 38.68
CA ARG A 391 -4.46 6.86 39.36
C ARG A 391 -3.81 8.19 39.70
N ASP A 392 -2.57 8.16 40.19
CA ASP A 392 -1.87 9.36 40.61
C ASP A 392 -0.63 9.54 39.72
N SER A 393 -0.84 10.15 38.56
CA SER A 393 0.24 10.42 37.64
C SER A 393 0.46 11.92 37.52
N ARG A 394 1.71 12.30 37.26
CA ARG A 394 2.09 13.70 37.16
C ARG A 394 1.81 14.31 35.80
N VAL A 395 1.37 13.50 34.82
CA VAL A 395 1.11 14.02 33.49
C VAL A 395 -0.18 14.83 33.51
N GLU A 396 -0.14 16.04 32.96
CA GLU A 396 -1.31 16.89 32.90
C GLU A 396 -2.25 16.39 31.80
N PRO A 397 -3.52 16.13 32.12
CA PRO A 397 -4.44 15.61 31.10
C PRO A 397 -4.65 16.60 29.98
N THR A 398 -4.75 16.09 28.76
CA THR A 398 -4.95 16.90 27.57
C THR A 398 -6.23 16.51 26.87
N ILE A 399 -6.80 17.47 26.13
CA ILE A 399 -8.06 17.31 25.43
C ILE A 399 -7.94 17.89 24.04
N GLY A 400 -8.41 17.15 23.04
CA GLY A 400 -8.29 17.57 21.66
C GLY A 400 -9.42 18.47 21.20
N PRO A 401 -9.41 18.83 19.93
CA PRO A 401 -10.51 19.62 19.37
C PRO A 401 -11.75 18.78 19.14
N TRP A 402 -12.87 19.47 18.96
CA TRP A 402 -14.13 18.79 18.68
C TRP A 402 -14.11 18.13 17.31
N ILE A 403 -14.89 17.07 17.19
CA ILE A 403 -15.09 16.33 15.94
C ILE A 403 -16.58 16.12 15.76
N GLU A 404 -17.09 16.49 14.59
CA GLU A 404 -18.48 16.33 14.21
C GLU A 404 -18.57 15.41 13.01
N ALA A 405 -19.43 14.40 13.09
CA ALA A 405 -19.55 13.43 12.01
C ALA A 405 -20.99 12.95 11.92
N ALA A 406 -21.28 12.18 10.87
CA ALA A 406 -22.60 11.63 10.64
C ALA A 406 -22.54 10.11 10.71
N LEU A 407 -23.46 9.52 11.48
CA LEU A 407 -23.55 8.08 11.64
C LEU A 407 -24.86 7.58 11.04
N ARG A 408 -24.77 6.56 10.20
CA ARG A 408 -25.95 5.99 9.58
C ARG A 408 -26.09 4.48 9.75
N GLU A 409 -25.03 3.76 10.11
CA GLU A 409 -25.09 2.32 10.34
C GLU A 409 -24.22 1.96 11.53
N ILE A 410 -24.41 0.74 12.03
CA ILE A 410 -23.53 0.17 13.04
C ILE A 410 -23.20 -1.25 12.65
N THR A 411 -22.13 -1.78 13.23
CA THR A 411 -21.71 -3.15 12.97
C THR A 411 -21.55 -3.90 14.29
N ILE A 412 -21.76 -5.21 14.25
CA ILE A 412 -21.59 -6.08 15.40
C ILE A 412 -20.66 -7.22 15.01
N GLN A 413 -19.70 -7.56 15.84
CA GLN A 413 -18.82 -8.71 15.54
C GLN A 413 -18.32 -9.31 16.84
N LYS A 414 -17.97 -10.58 16.79
CA LYS A 414 -17.53 -11.39 17.93
C LYS A 414 -16.06 -11.74 17.75
N LYS A 415 -15.27 -11.45 18.77
CA LYS A 415 -13.85 -11.77 18.74
C LYS A 415 -13.63 -13.23 19.13
N PRO A 416 -12.51 -13.84 18.72
CA PRO A 416 -12.29 -15.26 19.02
C PRO A 416 -12.22 -15.58 20.50
N ASN A 417 -11.99 -14.60 21.36
CA ASN A 417 -11.98 -14.84 22.80
C ASN A 417 -13.37 -14.80 23.42
N GLY A 418 -14.41 -14.56 22.64
CA GLY A 418 -15.77 -14.60 23.13
C GLY A 418 -16.36 -13.27 23.55
N VAL A 419 -15.74 -12.15 23.19
CA VAL A 419 -16.23 -10.83 23.54
C VAL A 419 -16.88 -10.21 22.30
N PHE A 420 -17.96 -9.46 22.51
CA PHE A 420 -18.68 -8.80 21.44
C PHE A 420 -18.26 -7.34 21.36
N TYR A 421 -18.19 -6.82 20.14
CA TYR A 421 -17.80 -5.44 19.88
C TYR A 421 -18.77 -4.78 18.93
N LEU A 422 -19.04 -3.50 19.21
CA LEU A 422 -19.92 -2.66 18.42
C LEU A 422 -19.09 -1.63 17.68
N GLY A 423 -19.16 -1.63 16.36
CA GLY A 423 -18.42 -0.69 15.53
C GLY A 423 -19.31 0.45 15.05
N LEU A 424 -18.78 1.67 15.15
CA LEU A 424 -19.48 2.89 14.75
C LEU A 424 -18.71 3.52 13.59
N PRO A 425 -19.07 3.21 12.35
CA PRO A 425 -18.42 3.86 11.19
C PRO A 425 -19.03 5.22 10.91
N TYR A 426 -18.26 6.28 11.14
CA TYR A 426 -18.72 7.64 10.93
C TYR A 426 -18.00 8.27 9.74
N ALA A 427 -18.52 9.41 9.29
CA ALA A 427 -18.00 10.08 8.11
C ALA A 427 -17.72 11.55 8.44
N LEU A 428 -16.50 11.98 8.14
CA LEU A 428 -16.12 13.38 8.26
C LEU A 428 -16.30 14.08 6.91
N SER A 429 -16.63 15.37 6.96
CA SER A 429 -16.84 16.16 5.77
C SER A 429 -15.82 17.29 5.71
N HIS A 430 -15.09 17.37 4.60
CA HIS A 430 -14.15 18.45 4.33
C HIS A 430 -14.35 18.92 2.90
N GLY A 431 -13.81 20.09 2.60
CA GLY A 431 -13.78 20.53 1.22
C GLY A 431 -12.92 19.63 0.37
N ILE A 432 -13.45 19.26 -0.80
CA ILE A 432 -12.70 18.39 -1.75
C ILE A 432 -11.77 19.30 -2.55
N ASP A 433 -11.47 20.48 -2.03
CA ASP A 433 -10.63 21.46 -2.77
C ASP A 433 -9.19 20.98 -2.81
N ASN A 434 -8.58 20.75 -1.66
CA ASN A 434 -7.17 20.32 -1.57
C ASN A 434 -6.95 18.95 -2.17
N PHE A 435 -7.91 18.05 -2.19
CA PHE A 435 -7.64 16.70 -2.68
C PHE A 435 -7.77 16.66 -4.20
N GLN A 436 -8.35 17.68 -4.82
CA GLN A 436 -8.50 17.64 -6.30
C GLN A 436 -7.32 18.36 -6.94
N ILE A 437 -6.77 19.36 -6.26
CA ILE A 437 -5.57 20.06 -6.77
C ILE A 437 -4.41 19.06 -6.77
N ALA A 438 -4.31 18.22 -5.75
CA ALA A 438 -3.24 17.21 -5.65
C ALA A 438 -3.41 16.14 -6.70
N LYS A 439 -4.61 15.72 -7.00
CA LYS A 439 -4.76 14.62 -7.96
C LYS A 439 -4.89 15.16 -9.37
N ARG A 440 -5.48 16.33 -9.59
CA ARG A 440 -5.66 16.74 -10.99
C ARG A 440 -4.57 17.68 -11.47
N PHE A 441 -3.97 18.47 -10.59
CA PHE A 441 -2.96 19.44 -11.05
C PHE A 441 -1.53 18.97 -10.82
N PHE A 442 -1.17 18.57 -9.62
CA PHE A 442 0.22 18.31 -9.27
C PHE A 442 0.68 16.91 -9.66
N SER A 443 -0.23 15.98 -9.88
CA SER A 443 0.15 14.65 -10.33
C SER A 443 0.10 14.50 -11.84
N ALA A 444 -0.30 15.54 -12.56
CA ALA A 444 -0.43 15.48 -14.01
C ALA A 444 0.79 16.08 -14.68
N ALA A 445 1.20 15.47 -15.80
CA ALA A 445 2.30 16.01 -16.57
C ALA A 445 1.88 17.26 -17.34
N LYS A 446 0.69 17.24 -17.93
CA LYS A 446 0.14 18.37 -18.68
C LYS A 446 -1.29 18.62 -18.21
N PRO A 447 -1.47 19.40 -17.15
CA PRO A 447 -2.83 19.72 -16.71
C PRO A 447 -3.58 20.51 -17.77
N ASP A 448 -4.88 20.25 -17.85
CA ASP A 448 -5.73 20.93 -18.82
C ASP A 448 -6.07 22.34 -18.33
N LYS A 449 -6.54 23.17 -19.28
CA LYS A 449 -6.66 24.59 -19.02
C LYS A 449 -7.71 24.92 -17.98
N GLU A 450 -8.86 24.24 -17.99
CA GLU A 450 -9.92 24.57 -17.05
C GLU A 450 -9.53 24.19 -15.62
N VAL A 451 -8.63 23.20 -15.46
CA VAL A 451 -8.08 22.93 -14.15
C VAL A 451 -7.18 24.09 -13.70
N ILE A 452 -6.35 24.60 -14.62
CA ILE A 452 -5.42 25.67 -14.26
C ILE A 452 -6.17 26.94 -13.90
N ASN A 453 -7.29 27.22 -14.58
CA ASN A 453 -8.01 28.46 -14.33
C ASN A 453 -8.68 28.46 -12.96
N GLY A 454 -9.06 27.30 -12.45
CA GLY A 454 -9.73 27.22 -11.17
C GLY A 454 -8.82 27.20 -9.95
N LEU A 455 -7.51 27.25 -10.14
CA LEU A 455 -6.60 27.23 -9.01
C LEU A 455 -6.67 28.52 -8.22
N PRO A 456 -6.48 28.46 -6.90
CA PRO A 456 -6.44 29.69 -6.10
C PRO A 456 -5.18 30.48 -6.39
N SER A 457 -5.18 31.73 -5.92
CA SER A 457 -4.07 32.63 -6.17
C SER A 457 -2.99 32.55 -5.10
N GLU A 458 -3.18 31.72 -4.06
CA GLU A 458 -2.17 31.54 -3.02
C GLU A 458 -2.22 30.10 -2.55
N MET A 459 -1.05 29.55 -2.21
CA MET A 459 -0.96 28.21 -1.64
C MET A 459 0.19 28.16 -0.65
N VAL A 460 0.06 27.28 0.33
CA VAL A 460 1.15 26.91 1.23
C VAL A 460 1.43 25.43 1.00
N VAL A 461 2.68 25.10 0.68
CA VAL A 461 3.06 23.73 0.36
C VAL A 461 4.24 23.32 1.23
N GLY A 462 4.41 22.00 1.36
CA GLY A 462 5.51 21.47 2.14
C GLY A 462 6.10 20.25 1.46
N ALA A 463 7.30 19.90 1.89
CA ALA A 463 7.96 18.68 1.43
C ALA A 463 8.71 18.05 2.59
N ALA A 464 8.93 16.73 2.58
CA ALA A 464 9.69 16.09 3.68
C ALA A 464 10.52 14.88 3.24
N ASP A 465 11.67 14.65 3.86
CA ASP A 465 12.55 13.48 3.57
C ASP A 465 12.47 12.48 4.73
N LEU A 466 12.13 11.20 4.50
CA LEU A 466 12.04 10.18 5.58
C LEU A 466 13.19 9.19 5.49
N ASN A 467 13.88 8.92 6.59
CA ASN A 467 15.06 8.01 6.61
C ASN A 467 15.04 7.13 7.84
N LEU A 468 15.95 6.17 7.97
CA LEU A 468 15.99 5.28 9.17
C LEU A 468 16.63 6.01 10.36
N SER A 469 17.46 7.01 10.12
CA SER A 469 18.08 7.86 11.17
C SER A 469 17.71 9.30 10.85
N ASN A 470 17.54 10.17 11.86
CA ASN A 470 17.00 11.55 11.68
C ASN A 470 15.74 11.37 10.84
N ILE A 471 14.75 10.69 11.41
CA ILE A 471 13.52 10.27 10.68
C ILE A 471 12.92 11.29 9.74
N VAL A 472 12.71 12.55 10.13
CA VAL A 472 12.00 13.51 9.23
C VAL A 472 12.82 14.77 9.01
N ALA A 473 12.88 15.24 7.77
CA ALA A 473 13.47 16.53 7.40
C ALA A 473 12.47 17.33 6.59
N PRO A 474 11.79 18.32 7.19
CA PRO A 474 10.74 19.08 6.48
C PRO A 474 11.16 20.43 5.90
N VAL A 475 10.35 20.96 4.98
CA VAL A 475 10.53 22.31 4.44
C VAL A 475 9.16 22.86 4.05
N LYS A 476 8.94 24.14 4.34
CA LYS A 476 7.66 24.82 4.09
C LYS A 476 7.87 26.03 3.21
N ALA A 477 7.02 26.19 2.19
CA ALA A 477 7.09 27.31 1.28
C ALA A 477 5.69 27.83 0.98
N ARG A 478 5.63 29.05 0.45
CA ARG A 478 4.39 29.67 0.02
C ARG A 478 4.52 30.10 -1.42
N ILE A 479 3.56 29.70 -2.26
CA ILE A 479 3.58 30.06 -3.68
C ILE A 479 2.31 30.82 -4.01
N GLY A 480 2.33 31.53 -5.13
CA GLY A 480 1.17 32.27 -5.55
C GLY A 480 1.36 32.90 -6.89
N LYS A 481 0.24 33.22 -7.53
CA LYS A 481 0.26 33.95 -8.78
C LYS A 481 0.60 35.41 -8.51
N GLY A 482 1.51 35.97 -9.31
CA GLY A 482 1.88 37.35 -9.12
C GLY A 482 2.92 37.59 -8.05
N LEU A 483 3.48 36.54 -7.46
CA LEU A 483 4.56 36.67 -6.50
C LEU A 483 5.90 36.46 -7.20
N GLU A 484 6.97 36.88 -6.51
CA GLU A 484 8.32 36.73 -7.03
C GLU A 484 9.19 36.07 -5.97
N GLY A 485 10.12 35.24 -6.42
CA GLY A 485 11.01 34.55 -5.52
C GLY A 485 11.85 33.48 -6.21
N PRO A 486 12.77 32.87 -5.46
CA PRO A 486 13.62 31.84 -6.04
C PRO A 486 12.87 30.62 -6.55
N LEU A 487 11.79 30.23 -5.90
CA LEU A 487 11.08 29.01 -6.28
C LEU A 487 10.16 29.27 -7.48
N HIS A 488 10.19 28.36 -8.44
CA HIS A 488 9.37 28.47 -9.63
C HIS A 488 8.43 27.28 -9.70
N ALA A 489 7.13 27.53 -9.54
CA ALA A 489 6.11 26.50 -9.66
C ALA A 489 5.62 26.47 -11.09
N LEU A 490 5.84 25.35 -11.76
CA LEU A 490 5.49 25.21 -13.17
C LEU A 490 4.01 25.46 -13.39
N ASP A 491 3.70 26.23 -14.43
CA ASP A 491 2.34 26.55 -14.87
C ASP A 491 1.58 27.40 -13.87
N TYR A 492 2.19 27.78 -12.75
CA TYR A 492 1.49 28.50 -11.71
C TYR A 492 2.12 29.85 -11.37
N GLY A 493 3.43 29.91 -11.24
CA GLY A 493 4.06 31.18 -10.94
C GLY A 493 5.33 30.97 -10.12
N TYR A 494 5.49 31.81 -9.11
CA TYR A 494 6.69 31.82 -8.28
C TYR A 494 6.31 31.71 -6.81
N GLY A 495 7.33 31.56 -5.99
CA GLY A 495 7.12 31.43 -4.56
C GLY A 495 8.43 31.46 -3.82
N GLU A 496 8.34 31.71 -2.50
CA GLU A 496 9.50 31.86 -1.65
C GLU A 496 9.30 31.04 -0.39
N LEU A 497 10.42 30.68 0.24
CA LEU A 497 10.39 29.79 1.40
C LEU A 497 9.75 30.47 2.61
N ILE A 498 9.11 29.66 3.44
CA ILE A 498 8.61 30.09 4.74
C ILE A 498 9.48 29.56 5.86
N ASP A 499 9.71 28.24 5.88
CA ASP A 499 10.52 27.58 6.88
C ASP A 499 11.52 26.68 6.16
N GLY A 500 12.79 27.09 6.16
CA GLY A 500 13.81 26.43 5.40
C GLY A 500 14.06 25.02 5.88
N PRO A 501 14.83 24.26 5.10
CA PRO A 501 15.06 22.85 5.46
C PRO A 501 15.77 22.72 6.80
N LYS A 502 15.41 21.69 7.54
CA LYS A 502 15.96 21.43 8.86
C LYS A 502 15.75 19.97 9.19
N ILE A 503 16.14 19.59 10.41
CA ILE A 503 15.93 18.24 10.92
C ILE A 503 15.02 18.36 12.13
N LEU A 504 13.87 17.68 12.07
CA LEU A 504 12.85 17.87 13.10
C LEU A 504 13.28 17.30 14.43
N THR A 505 13.79 16.06 14.44
CA THR A 505 14.18 15.39 15.67
C THR A 505 15.48 14.63 15.48
N PRO A 506 16.54 14.98 16.22
CA PRO A 506 17.78 14.21 16.15
C PRO A 506 17.69 12.93 16.96
N ASP A 507 18.64 12.03 16.70
CA ASP A 507 18.66 10.75 17.39
C ASP A 507 19.04 10.93 18.86
N GLY A 508 18.51 10.03 19.69
CA GLY A 508 18.70 10.12 21.12
C GLY A 508 20.02 9.54 21.57
N PRO A 509 20.33 9.76 22.84
CA PRO A 509 21.59 9.22 23.39
C PRO A 509 21.68 7.70 23.38
N ARG A 510 20.55 7.01 23.51
CA ARG A 510 20.57 5.56 23.65
C ARG A 510 20.78 4.82 22.34
N CYS A 511 20.83 5.51 21.21
CA CYS A 511 21.00 4.81 19.93
C CYS A 511 22.36 4.16 19.82
N GLY A 512 23.38 4.72 20.48
CA GLY A 512 24.71 4.13 20.40
C GLY A 512 24.81 2.78 21.07
N GLU A 513 24.17 2.62 22.23
CA GLU A 513 24.26 1.36 22.96
C GLU A 513 23.45 0.26 22.31
N LEU A 514 22.32 0.60 21.70
CA LEU A 514 21.46 -0.39 21.07
C LEU A 514 22.05 -0.98 19.80
N ILE A 515 23.15 -0.42 19.30
CA ILE A 515 23.89 -1.02 18.18
C ILE A 515 24.99 -1.94 18.71
N SER A 516 25.63 -1.55 19.81
CA SER A 516 26.59 -2.42 20.46
C SER A 516 25.94 -3.70 20.95
N LEU A 517 24.72 -3.60 21.47
CA LEU A 517 24.00 -4.79 21.91
C LEU A 517 23.77 -5.77 20.77
N LYS A 518 23.33 -5.25 19.61
CA LYS A 518 23.09 -6.11 18.46
C LYS A 518 24.40 -6.71 17.93
N ARG A 519 25.49 -5.95 17.97
CA ARG A 519 26.79 -6.49 17.59
C ARG A 519 27.18 -7.66 18.49
N ASP A 520 26.98 -7.50 19.81
CA ASP A 520 27.29 -8.59 20.73
C ASP A 520 26.43 -9.82 20.45
N ILE A 521 25.15 -9.61 20.15
CA ILE A 521 24.27 -10.74 19.84
C ILE A 521 24.77 -11.50 18.61
N VAL A 522 25.14 -10.77 17.55
CA VAL A 522 25.62 -11.42 16.33
C VAL A 522 26.92 -12.18 16.60
N GLU A 523 27.80 -11.60 17.42
CA GLU A 523 29.05 -12.27 17.74
C GLU A 523 28.81 -13.56 18.51
N ILE A 524 27.85 -13.56 19.45
CA ILE A 524 27.52 -14.79 20.15
C ILE A 524 26.98 -15.84 19.19
N LYS A 525 26.17 -15.40 18.22
CA LYS A 525 25.65 -16.35 17.23
C LYS A 525 26.78 -17.01 16.45
N SER A 526 27.77 -16.23 16.03
CA SER A 526 28.92 -16.80 15.32
C SER A 526 29.69 -17.76 16.22
N ALA A 527 29.86 -17.41 17.50
CA ALA A 527 30.56 -18.30 18.42
C ALA A 527 29.86 -19.65 18.53
N ILE A 528 28.53 -19.64 18.64
CA ILE A 528 27.78 -20.89 18.67
C ILE A 528 27.99 -21.68 17.38
N LYS A 529 27.91 -20.98 16.24
CA LYS A 529 27.98 -21.66 14.96
C LYS A 529 29.32 -22.35 14.77
N GLU A 530 30.40 -21.74 15.21
CA GLU A 530 31.69 -22.42 15.06
C GLU A 530 31.96 -23.42 16.17
N PHE A 531 31.36 -23.25 17.35
CA PHE A 531 31.49 -24.29 18.38
C PHE A 531 30.90 -25.60 17.90
N LYS A 532 29.75 -25.55 17.23
CA LYS A 532 29.18 -26.79 16.70
C LYS A 532 30.11 -27.46 15.71
N ALA A 533 30.67 -26.67 14.78
CA ALA A 533 31.55 -27.25 13.76
C ALA A 533 32.81 -27.83 14.37
N CYS A 534 33.42 -27.13 15.33
CA CYS A 534 34.61 -27.67 15.98
C CYS A 534 34.28 -28.93 16.79
N GLN A 535 33.07 -28.99 17.35
CA GLN A 535 32.66 -30.20 18.06
C GLN A 535 32.51 -31.38 17.11
N ARG A 536 31.99 -31.13 15.94
CA ARG A 536 31.74 -32.24 14.99
C ARG A 536 33.02 -32.94 14.55
N GLU A 537 34.11 -32.21 14.30
CA GLU A 537 35.35 -32.80 13.83
C GLU A 537 36.41 -32.89 14.91
N GLY A 538 36.04 -32.69 16.18
CA GLY A 538 36.99 -32.87 17.26
C GLY A 538 38.15 -31.90 17.26
N LEU A 539 37.92 -30.67 16.84
CA LEU A 539 38.93 -29.63 16.87
C LEU A 539 38.76 -28.78 18.12
N THR A 540 39.51 -27.68 18.20
CA THR A 540 39.39 -26.73 19.30
C THR A 540 39.14 -25.34 18.73
N MET A 541 38.41 -24.53 19.49
CA MET A 541 38.05 -23.19 19.04
C MET A 541 39.29 -22.30 18.95
N SER A 542 39.20 -21.30 18.09
CA SER A 542 40.30 -20.37 17.91
C SER A 542 40.50 -19.51 19.15
N GLU A 543 41.72 -18.99 19.29
CA GLU A 543 42.07 -18.24 20.48
C GLU A 543 41.34 -16.90 20.56
N GLU A 544 41.04 -16.29 19.41
CA GLU A 544 40.34 -15.01 19.42
C GLU A 544 38.95 -15.16 20.04
N THR A 545 38.21 -16.18 19.62
CA THR A 545 36.87 -16.39 20.15
C THR A 545 36.91 -16.75 21.63
N THR A 546 37.87 -17.57 22.04
CA THR A 546 37.99 -17.91 23.46
C THR A 546 38.30 -16.68 24.30
N THR A 547 39.21 -15.83 23.81
CA THR A 547 39.53 -14.61 24.54
C THR A 547 38.32 -13.69 24.63
N TRP A 548 37.56 -13.57 23.54
CA TRP A 548 36.36 -12.74 23.60
C TRP A 548 35.32 -13.31 24.56
N LEU A 549 35.14 -14.62 24.54
CA LEU A 549 34.13 -15.26 25.39
C LEU A 549 34.50 -15.14 26.86
N SER A 550 35.79 -15.20 27.19
CA SER A 550 36.22 -15.22 28.58
C SER A 550 36.16 -13.85 29.24
N GLU A 551 35.63 -12.83 28.57
CA GLU A 551 35.60 -11.49 29.15
C GLU A 551 34.48 -11.33 30.18
N VAL A 552 33.47 -12.20 30.15
CA VAL A 552 32.39 -12.16 31.12
C VAL A 552 32.66 -13.15 32.24
N GLU A 553 32.29 -12.77 33.46
CA GLU A 553 32.50 -13.64 34.61
C GLU A 553 31.65 -14.90 34.48
N SER A 554 32.28 -16.05 34.63
CA SER A 554 31.65 -17.34 34.44
C SER A 554 32.10 -18.31 35.52
N PRO A 555 31.25 -19.26 35.91
CA PRO A 555 31.65 -20.24 36.93
C PRO A 555 32.45 -21.42 36.37
N SER A 556 32.96 -21.33 35.15
CA SER A 556 33.73 -22.41 34.55
C SER A 556 34.60 -21.83 33.44
N ASP A 557 35.16 -22.71 32.62
CA ASP A 557 35.99 -22.30 31.50
C ASP A 557 35.68 -23.05 30.21
N SER A 558 34.80 -24.04 30.25
CA SER A 558 34.43 -24.74 29.03
C SER A 558 33.64 -23.82 28.12
N PRO A 559 33.75 -24.00 26.80
CA PRO A 559 33.10 -23.05 25.87
C PRO A 559 31.59 -22.95 26.05
N ARG A 560 30.94 -24.09 26.25
CA ARG A 560 29.46 -24.09 26.33
C ARG A 560 29.11 -23.27 27.53
N CYS A 561 29.83 -23.44 28.61
CA CYS A 561 29.52 -22.61 29.78
C CYS A 561 29.80 -21.16 29.50
N MET A 562 30.87 -20.84 28.79
CA MET A 562 31.19 -19.43 28.44
C MET A 562 30.13 -18.86 27.52
N ILE A 563 29.66 -19.61 26.54
CA ILE A 563 28.57 -19.11 25.67
C ILE A 563 27.32 -18.90 26.52
N GLN A 564 27.01 -19.77 27.45
CA GLN A 564 25.80 -19.51 28.24
C GLN A 564 25.97 -18.30 29.15
N SER A 565 27.15 -18.07 29.67
CA SER A 565 27.34 -16.83 30.46
C SER A 565 27.12 -15.62 29.58
N ARG A 566 27.62 -15.64 28.36
CA ARG A 566 27.45 -14.49 27.46
C ARG A 566 25.98 -14.28 27.17
N ILE A 567 25.20 -15.30 26.93
CA ILE A 567 23.74 -15.09 26.67
C ILE A 567 23.05 -14.53 27.90
N ALA A 568 23.35 -14.99 29.09
CA ALA A 568 22.70 -14.39 30.26
C ALA A 568 23.06 -12.91 30.36
N ASP A 569 24.32 -12.57 30.15
CA ASP A 569 24.70 -11.15 30.26
C ASP A 569 23.99 -10.33 29.20
N THR A 570 23.88 -10.82 27.99
CA THR A 570 23.21 -10.05 26.92
C THR A 570 21.73 -9.89 27.18
N SER A 571 21.04 -10.83 27.80
CA SER A 571 19.60 -10.52 28.02
C SER A 571 19.41 -9.71 29.28
N ARG A 572 20.37 -9.60 30.16
CA ARG A 572 20.13 -8.70 31.31
C ARG A 572 20.03 -7.26 30.85
N ARG A 573 20.75 -6.91 29.81
CA ARG A 573 20.83 -5.58 29.22
C ARG A 573 19.63 -5.26 28.36
N LEU A 574 19.17 -6.23 27.55
CA LEU A 574 17.99 -6.00 26.73
C LEU A 574 16.76 -5.74 27.59
N ASN A 575 16.59 -6.53 28.66
CA ASN A 575 15.44 -6.31 29.53
C ASN A 575 15.50 -4.96 30.21
N SER A 576 16.70 -4.52 30.60
CA SER A 576 16.83 -3.20 31.20
C SER A 576 16.43 -2.10 30.23
N PHE A 577 16.86 -2.19 28.98
CA PHE A 577 16.47 -1.19 27.98
C PHE A 577 14.96 -1.17 27.77
N LYS A 578 14.35 -2.36 27.66
CA LYS A 578 12.91 -2.43 27.44
C LYS A 578 12.15 -1.78 28.58
N TYR A 579 12.54 -2.09 29.82
CA TYR A 579 11.85 -1.51 30.98
C TYR A 579 12.01 0.00 31.00
N GLN A 580 13.23 0.49 30.77
CA GLN A 580 13.46 1.93 30.84
C GLN A 580 12.68 2.69 29.77
N MET A 581 12.63 2.15 28.55
CA MET A 581 11.87 2.85 27.51
C MET A 581 10.37 2.77 27.73
N ASN A 582 9.87 1.64 28.24
CA ASN A 582 8.44 1.57 28.51
C ASN A 582 8.03 2.50 29.64
N LYS A 583 8.95 2.77 30.57
CA LYS A 583 8.63 3.66 31.68
C LYS A 583 8.28 5.07 31.21
N GLU A 584 8.93 5.55 30.15
CA GLU A 584 8.79 6.92 29.70
C GLU A 584 7.75 7.11 28.61
N GLY A 585 7.18 6.03 28.07
CA GLY A 585 6.21 6.14 27.01
C GLY A 585 6.78 6.17 25.61
N TYR A 586 8.02 5.73 25.42
CA TYR A 586 8.68 5.68 24.10
C TYR A 586 8.76 7.07 23.47
N GLN A 587 9.50 7.96 24.14
CA GLN A 587 9.59 9.34 23.70
C GLN A 587 10.29 9.47 22.35
N ASP A 588 11.39 8.74 22.15
CA ASP A 588 12.19 8.85 20.95
C ASP A 588 11.88 7.69 20.01
N LEU A 589 11.69 8.01 18.73
CA LEU A 589 11.28 6.99 17.76
C LEU A 589 12.47 6.23 17.19
N ALA A 590 13.62 6.90 17.02
CA ALA A 590 14.82 6.22 16.56
C ALA A 590 15.28 5.18 17.58
N GLU A 591 15.21 5.54 18.87
CA GLU A 591 15.55 4.59 19.92
C GLU A 591 14.62 3.39 19.89
N ALA A 592 13.32 3.62 19.65
CA ALA A 592 12.37 2.53 19.58
C ALA A 592 12.66 1.61 18.40
N LEU A 593 13.04 2.19 17.26
CA LEU A 593 13.41 1.35 16.11
C LEU A 593 14.64 0.50 16.42
N ARG A 594 15.64 1.09 17.06
CA ARG A 594 16.83 0.32 17.42
C ARG A 594 16.49 -0.78 18.41
N LEU A 595 15.61 -0.50 19.38
CA LEU A 595 15.18 -1.51 20.33
C LEU A 595 14.46 -2.65 19.65
N LEU A 596 13.61 -2.34 18.67
CA LEU A 596 12.93 -3.38 17.90
C LEU A 596 13.93 -4.26 17.16
N ASP A 597 14.96 -3.64 16.57
CA ASP A 597 15.99 -4.40 15.89
C ASP A 597 16.72 -5.34 16.85
N ALA A 598 17.07 -4.83 18.03
CA ALA A 598 17.77 -5.65 19.02
C ALA A 598 16.91 -6.82 19.48
N MET A 599 15.63 -6.58 19.71
CA MET A 599 14.73 -7.67 20.10
C MET A 599 14.62 -8.73 19.02
N ASP A 600 14.52 -8.30 17.76
CA ASP A 600 14.47 -9.26 16.66
C ASP A 600 15.74 -10.11 16.62
N SER A 601 16.89 -9.49 16.83
CA SER A 601 18.15 -10.25 16.82
C SER A 601 18.22 -11.23 17.98
N TYR A 602 17.76 -10.82 19.16
CA TYR A 602 17.79 -11.70 20.32
C TYR A 602 16.91 -12.93 20.13
N ASN A 603 15.78 -12.75 19.45
CA ASN A 603 14.93 -13.91 19.18
C ASN A 603 15.65 -14.95 18.33
N SER A 604 16.38 -14.51 17.31
CA SER A 604 17.15 -15.45 16.49
C SER A 604 18.26 -16.10 17.31
N LEU A 605 18.88 -15.34 18.22
CA LEU A 605 19.90 -15.94 19.08
C LEU A 605 19.31 -17.09 19.90
N LEU A 606 18.15 -16.86 20.51
CA LEU A 606 17.51 -17.93 21.29
C LEU A 606 17.13 -19.12 20.41
N GLU A 607 16.61 -18.84 19.22
CA GLU A 607 16.22 -19.93 18.32
C GLU A 607 17.42 -20.79 17.95
N SER A 608 18.56 -20.17 17.69
CA SER A 608 19.78 -20.92 17.39
C SER A 608 20.26 -21.70 18.62
N TYR A 609 20.19 -21.07 19.80
CA TYR A 609 20.71 -21.72 21.00
C TYR A 609 19.90 -22.95 21.38
N GLN A 610 18.59 -22.91 21.18
CA GLN A 610 17.75 -24.05 21.56
C GLN A 610 18.11 -25.32 20.79
N ARG A 611 18.70 -25.20 19.61
CA ARG A 611 19.02 -26.34 18.75
C ARG A 611 20.52 -26.64 18.75
N MET A 612 21.16 -26.48 19.89
CA MET A 612 22.60 -26.56 20.02
C MET A 612 23.10 -27.99 20.22
N HIS A 613 22.20 -28.98 20.18
CA HIS A 613 22.55 -30.36 20.47
C HIS A 613 22.25 -31.32 19.32
N LEU A 614 21.74 -30.84 18.19
CA LEU A 614 21.34 -31.73 17.12
C LEU A 614 22.52 -32.45 16.50
N SER A 615 22.23 -33.64 15.96
CA SER A 615 23.18 -34.52 15.31
C SER A 615 23.07 -34.40 13.80
N PRO A 616 24.10 -34.79 13.05
CA PRO A 616 24.02 -34.71 11.59
C PRO A 616 22.86 -35.52 11.03
N GLY A 617 22.14 -34.92 10.09
CA GLY A 617 21.09 -35.58 9.35
C GLY A 617 19.68 -35.28 9.81
N GLU A 618 19.49 -34.80 11.03
CA GLU A 618 18.16 -34.61 11.59
C GLU A 618 17.79 -33.14 11.60
N GLN A 619 16.60 -32.84 11.08
CA GLN A 619 16.11 -31.47 11.02
C GLN A 619 15.20 -31.17 12.21
N SER A 620 15.05 -29.88 12.50
CA SER A 620 14.15 -29.41 13.54
C SER A 620 13.40 -28.21 12.99
N PRO A 621 12.08 -28.29 12.83
CA PRO A 621 11.31 -27.16 12.32
C PRO A 621 10.84 -26.24 13.44
N LYS A 622 10.41 -25.05 13.03
CA LYS A 622 9.93 -24.05 13.97
C LYS A 622 8.64 -24.51 14.64
N GLU A 623 8.47 -24.09 15.89
CA GLU A 623 7.30 -24.43 16.69
C GLU A 623 6.40 -23.21 16.82
N ALA A 624 5.09 -23.43 16.67
CA ALA A 624 4.14 -22.32 16.68
C ALA A 624 4.03 -21.72 18.08
N LYS A 625 4.08 -20.39 18.14
CA LYS A 625 3.90 -19.65 19.38
C LYS A 625 2.78 -18.64 19.18
N PHE A 626 1.78 -18.67 20.06
CA PHE A 626 0.64 -17.76 19.95
C PHE A 626 0.96 -16.46 20.67
N ASP A 627 1.86 -15.69 20.06
CA ASP A 627 2.35 -14.44 20.60
C ASP A 627 2.13 -13.34 19.58
N THR A 628 1.56 -12.21 20.03
CA THR A 628 1.29 -11.09 19.14
C THR A 628 1.81 -9.77 19.71
N LYS A 629 2.81 -9.82 20.59
CA LYS A 629 3.30 -8.61 21.22
C LYS A 629 4.17 -7.78 20.29
N ARG A 630 4.91 -8.43 19.41
CA ARG A 630 5.77 -7.70 18.48
C ARG A 630 4.95 -6.98 17.44
N ALA A 631 3.86 -7.52 16.97
CA ALA A 631 3.06 -6.85 15.93
C ALA A 631 2.29 -5.67 16.48
N SER A 632 2.02 -5.61 17.76
CA SER A 632 1.30 -4.47 18.34
C SER A 632 2.28 -3.40 18.74
N PHE A 633 3.55 -3.70 18.81
CA PHE A 633 4.50 -2.64 19.17
C PHE A 633 4.96 -2.01 17.88
N ARG A 634 5.13 -2.81 16.86
CA ARG A 634 5.61 -2.30 15.56
C ARG A 634 4.57 -1.37 14.97
N ASP A 635 3.29 -1.65 15.13
CA ASP A 635 2.17 -0.82 14.64
C ASP A 635 2.06 0.47 15.41
N LEU A 636 2.29 0.44 16.69
CA LEU A 636 2.26 1.65 17.50
C LEU A 636 3.33 2.60 17.00
N LEU A 637 4.52 2.16 16.64
CA LEU A 637 5.60 3.04 16.17
C LEU A 637 5.26 3.68 14.84
N ARG A 638 4.64 3.00 13.92
CA ARG A 638 4.29 3.60 12.62
C ARG A 638 3.26 4.69 12.80
N ARG A 639 2.26 4.52 13.63
CA ARG A 639 1.20 5.52 13.87
C ARG A 639 1.75 6.75 14.57
N ARG A 640 2.70 6.60 15.46
CA ARG A 640 3.34 7.71 16.19
C ARG A 640 4.18 8.57 15.26
N VAL A 641 4.87 7.97 14.31
CA VAL A 641 5.69 8.67 13.30
C VAL A 641 4.80 9.45 12.36
N ALA A 642 3.67 8.92 11.93
CA ALA A 642 2.69 9.56 11.04
C ALA A 642 2.12 10.78 11.72
N HIS A 643 1.90 10.73 13.00
CA HIS A 643 1.41 11.85 13.81
C HIS A 643 2.42 12.97 13.91
N THR A 644 3.69 12.69 14.04
CA THR A 644 4.67 13.77 14.18
C THR A 644 4.67 14.60 12.92
N ILE A 645 4.67 13.96 11.78
CA ILE A 645 4.64 14.65 10.48
C ILE A 645 3.33 15.39 10.33
N VAL A 646 2.22 14.76 10.60
CA VAL A 646 1.01 15.54 10.36
C VAL A 646 0.92 16.73 11.30
N GLU A 647 1.38 16.57 12.54
CA GLU A 647 1.34 17.69 13.48
C GLU A 647 2.24 18.83 13.03
N TYR A 648 3.38 18.52 12.40
CA TYR A 648 4.21 19.61 11.88
C TYR A 648 3.52 20.37 10.76
N PHE A 649 2.83 19.67 9.85
CA PHE A 649 2.30 20.24 8.62
C PHE A 649 0.82 20.59 8.71
N ASP A 650 0.36 21.05 9.87
CA ASP A 650 -1.08 21.21 10.08
C ASP A 650 -1.67 22.44 9.39
N ASP A 651 -0.85 23.30 8.80
CA ASP A 651 -1.34 24.51 8.16
C ASP A 651 -1.08 24.54 6.67
N CYS A 652 -0.76 23.42 6.04
CA CYS A 652 -0.44 23.37 4.62
C CYS A 652 -1.64 22.89 3.82
N ASP A 653 -1.49 22.94 2.50
CA ASP A 653 -2.47 22.42 1.56
C ASP A 653 -2.01 21.17 0.85
N ILE A 654 -0.77 21.13 0.39
CA ILE A 654 -0.19 19.98 -0.30
C ILE A 654 1.14 19.65 0.37
N VAL A 655 1.40 18.35 0.54
CA VAL A 655 2.68 17.90 1.07
C VAL A 655 3.28 16.89 0.09
N PHE A 656 4.57 17.06 -0.19
CA PHE A 656 5.31 16.25 -1.15
C PHE A 656 6.19 15.24 -0.41
N PHE A 657 6.12 13.99 -0.87
CA PHE A 657 6.93 12.89 -0.36
C PHE A 657 7.51 12.15 -1.57
N GLU A 658 8.65 11.51 -1.37
CA GLU A 658 9.22 10.65 -2.41
C GLU A 658 8.62 9.26 -2.30
N ASP A 659 8.30 8.67 -3.45
CA ASP A 659 7.67 7.35 -3.44
C ASP A 659 8.76 6.31 -3.22
N LEU A 660 8.91 5.87 -1.98
CA LEU A 660 9.93 4.90 -1.64
C LEU A 660 9.51 3.51 -2.09
N ASP A 661 10.50 2.62 -2.23
CA ASP A 661 10.25 1.24 -2.57
C ASP A 661 10.31 0.37 -1.33
N GLY A 662 9.50 -0.68 -1.32
CA GLY A 662 9.46 -1.61 -0.21
C GLY A 662 10.53 -2.67 -0.35
N PRO A 663 10.44 -3.71 0.47
CA PRO A 663 11.41 -4.81 0.37
C PRO A 663 11.37 -5.46 -1.00
N SER A 664 12.54 -5.86 -1.48
CA SER A 664 12.74 -6.36 -2.83
C SER A 664 12.88 -7.89 -2.83
N ASP A 665 13.28 -8.43 -3.97
CA ASP A 665 13.38 -9.87 -4.18
C ASP A 665 14.74 -10.38 -3.70
N SER A 666 15.09 -11.61 -4.09
CA SER A 666 16.28 -12.28 -3.58
C SER A 666 17.57 -11.59 -4.01
N ASP A 667 17.55 -10.78 -5.06
CA ASP A 667 18.77 -10.18 -5.57
C ASP A 667 19.26 -9.01 -4.72
N SER A 668 18.44 -8.50 -3.80
CA SER A 668 18.83 -7.37 -2.96
C SER A 668 19.51 -7.87 -1.70
N ARG A 669 20.53 -7.13 -1.26
CA ARG A 669 21.33 -7.52 -0.12
C ARG A 669 20.97 -6.80 1.16
N ASN A 670 19.95 -5.94 1.15
CA ASN A 670 19.66 -5.14 2.34
C ASN A 670 18.18 -5.05 2.62
N ASN A 671 17.39 -6.00 2.16
CA ASN A 671 15.94 -5.89 2.37
C ASN A 671 15.49 -6.35 3.75
N ALA A 672 16.40 -6.87 4.57
CA ALA A 672 16.10 -7.03 5.98
C ALA A 672 16.16 -5.69 6.71
N LEU A 673 16.96 -4.75 6.18
CA LEU A 673 17.06 -3.42 6.77
C LEU A 673 15.87 -2.55 6.41
N VAL A 674 15.32 -2.69 5.20
CA VAL A 674 14.17 -1.87 4.80
C VAL A 674 12.86 -2.45 5.30
N LYS A 675 12.83 -3.71 5.73
CA LYS A 675 11.67 -4.22 6.45
C LYS A 675 11.52 -3.54 7.80
N LEU A 676 12.62 -3.09 8.34
CA LEU A 676 12.62 -2.39 9.63
C LEU A 676 12.10 -0.97 9.44
N LEU A 677 12.41 -0.27 8.37
CA LEU A 677 11.81 1.07 8.24
C LEU A 677 10.36 0.82 7.92
N SER A 678 10.15 -0.12 6.99
CA SER A 678 8.84 -0.62 6.52
C SER A 678 8.10 0.55 5.93
N PRO A 679 8.51 1.28 4.67
CA PRO A 679 8.14 2.60 4.12
C PRO A 679 6.74 2.68 3.54
N ARG A 680 6.24 1.61 2.91
CA ARG A 680 4.96 1.72 2.21
C ARG A 680 3.79 1.84 3.19
N THR A 681 3.80 1.03 4.26
CA THR A 681 2.77 1.17 5.28
C THR A 681 2.87 2.50 6.00
N LEU A 682 4.09 3.00 6.18
CA LEU A 682 4.27 4.33 6.76
C LEU A 682 3.66 5.41 5.88
N LEU A 683 3.85 5.31 4.57
CA LEU A 683 3.24 6.27 3.65
C LEU A 683 1.73 6.15 3.69
N LEU A 684 1.19 4.93 3.78
CA LEU A 684 -0.24 4.75 3.90
C LEU A 684 -0.80 5.43 5.14
N TYR A 685 -0.13 5.25 6.29
CA TYR A 685 -0.58 5.87 7.52
C TYR A 685 -0.48 7.39 7.45
N ILE A 686 0.59 7.91 6.82
CA ILE A 686 0.74 9.34 6.68
C ILE A 686 -0.40 9.91 5.84
N ARG A 687 -0.73 9.23 4.74
CA ARG A 687 -1.85 9.68 3.91
C ARG A 687 -3.15 9.68 4.70
N GLN A 688 -3.39 8.63 5.49
CA GLN A 688 -4.61 8.56 6.27
C GLN A 688 -4.68 9.68 7.31
N ALA A 689 -3.55 10.02 7.93
CA ALA A 689 -3.57 11.03 8.97
C ALA A 689 -3.70 12.44 8.39
N LEU A 690 -3.05 12.70 7.25
CA LEU A 690 -3.19 14.00 6.59
C LEU A 690 -4.62 14.20 6.09
N GLU A 691 -5.21 13.12 5.56
CA GLU A 691 -6.54 13.18 4.95
C GLU A 691 -7.63 13.49 5.97
N LYS A 692 -7.42 13.19 7.25
CA LYS A 692 -8.38 13.55 8.28
C LYS A 692 -8.46 15.04 8.52
N ARG A 693 -7.54 15.83 7.97
CA ARG A 693 -7.51 17.28 8.18
C ARG A 693 -7.63 18.05 6.88
N GLY A 694 -8.03 17.39 5.79
CA GLY A 694 -8.16 18.07 4.52
C GLY A 694 -6.87 18.56 3.91
N ILE A 695 -5.82 17.72 3.92
CA ILE A 695 -4.54 18.06 3.33
C ILE A 695 -4.24 17.03 2.24
N GLY A 696 -3.77 17.49 1.09
CA GLY A 696 -3.44 16.62 0.00
C GLY A 696 -1.99 16.17 0.06
N MET A 697 -1.73 14.97 -0.48
CA MET A 697 -0.41 14.37 -0.43
C MET A 697 -0.03 13.90 -1.83
N VAL A 698 1.18 14.24 -2.26
CA VAL A 698 1.68 13.88 -3.59
C VAL A 698 2.99 13.12 -3.41
N GLU A 699 3.19 12.10 -4.26
CA GLU A 699 4.40 11.29 -4.27
C GLU A 699 5.15 11.56 -5.57
N VAL A 700 6.37 12.04 -5.45
CA VAL A 700 7.15 12.48 -6.59
C VAL A 700 8.24 11.47 -6.89
N ALA A 701 8.79 11.53 -8.11
CA ALA A 701 9.86 10.62 -8.49
C ALA A 701 11.08 10.82 -7.59
N LYS A 702 11.78 9.75 -7.27
CA LYS A 702 12.85 9.89 -6.26
C LYS A 702 14.25 9.78 -6.83
N ASP A 703 14.43 9.27 -8.03
CA ASP A 703 15.82 9.16 -8.54
C ASP A 703 16.49 10.52 -8.58
N GLY A 704 17.68 10.61 -8.04
CA GLY A 704 18.53 11.79 -8.06
C GLY A 704 18.14 12.88 -7.08
N THR A 705 17.19 12.60 -6.21
CA THR A 705 16.78 13.67 -5.28
C THR A 705 17.76 13.72 -4.13
N SER A 706 18.86 13.03 -4.23
CA SER A 706 19.81 13.12 -3.10
C SER A 706 21.19 13.36 -3.65
N GLN A 707 21.30 13.75 -4.92
CA GLN A 707 22.61 13.91 -5.56
C GLN A 707 22.78 15.20 -6.33
N ASN A 708 21.73 15.98 -6.56
CA ASN A 708 21.83 17.23 -7.28
C ASN A 708 22.00 18.39 -6.32
N ASN A 709 22.66 19.44 -6.79
CA ASN A 709 22.77 20.67 -6.03
C ASN A 709 21.47 21.46 -6.14
N PRO A 710 20.80 21.77 -5.02
CA PRO A 710 19.52 22.49 -5.11
C PRO A 710 19.65 23.86 -5.75
N ILE A 711 20.82 24.48 -5.70
CA ILE A 711 20.96 25.86 -6.17
C ILE A 711 21.25 25.91 -7.66
N SER A 712 22.15 25.06 -8.16
CA SER A 712 22.58 25.15 -9.54
C SER A 712 22.31 23.91 -10.38
N GLY A 713 21.83 22.82 -9.78
CA GLY A 713 21.53 21.64 -10.56
C GLY A 713 22.72 20.81 -10.99
N HIS A 714 23.87 21.03 -10.37
CA HIS A 714 25.07 20.25 -10.64
C HIS A 714 25.14 19.03 -9.73
N VAL A 715 25.82 17.99 -10.21
CA VAL A 715 25.92 16.76 -9.45
C VAL A 715 26.95 16.90 -8.33
N GLY A 716 26.76 16.14 -7.25
CA GLY A 716 27.68 16.15 -6.13
C GLY A 716 28.09 14.74 -5.77
N TRP A 717 29.05 14.65 -4.86
CA TRP A 717 29.57 13.34 -4.40
C TRP A 717 29.26 13.17 -2.92
N ARG A 718 28.51 12.13 -2.58
CA ARG A 718 28.09 11.84 -1.20
C ARG A 718 29.13 10.93 -0.58
N ASN A 719 29.74 11.38 0.50
CA ASN A 719 30.83 10.63 1.19
C ASN A 719 30.39 9.20 1.54
N LYS A 720 31.24 8.20 1.34
CA LYS A 720 30.90 6.83 1.70
C LYS A 720 31.14 6.55 3.18
N GLN A 721 32.19 7.12 3.75
CA GLN A 721 32.45 6.95 5.17
C GLN A 721 31.35 7.58 6.02
N ASN A 722 30.94 8.80 5.67
CA ASN A 722 29.89 9.51 6.39
C ASN A 722 28.81 9.90 5.39
N LYS A 723 27.60 9.40 5.58
CA LYS A 723 26.52 9.60 4.63
C LYS A 723 25.71 10.86 4.89
N SER A 724 26.08 11.66 5.89
CA SER A 724 25.35 12.87 6.24
C SER A 724 25.99 14.13 5.66
N GLU A 725 26.97 13.98 4.77
CA GLU A 725 27.63 15.13 4.15
C GLU A 725 27.73 14.87 2.65
N ILE A 726 27.53 15.94 1.87
CA ILE A 726 27.64 15.85 0.42
C ILE A 726 28.45 17.03 -0.09
N TYR A 727 29.32 16.78 -1.05
CA TYR A 727 30.29 17.74 -1.53
C TYR A 727 29.99 18.14 -2.97
N PHE A 728 30.16 19.42 -3.27
CA PHE A 728 29.92 19.96 -4.61
C PHE A 728 31.13 20.77 -5.04
N TYR A 729 31.34 20.84 -6.36
CA TYR A 729 32.46 21.56 -6.95
C TYR A 729 31.91 22.55 -7.98
N GLU A 730 31.89 23.82 -7.63
CA GLU A 730 31.37 24.86 -8.51
C GLU A 730 32.23 26.10 -8.40
N ASP A 731 32.46 26.76 -9.54
CA ASP A 731 33.26 27.98 -9.62
C ASP A 731 34.66 27.76 -9.08
N LYS A 732 35.21 26.57 -9.34
CA LYS A 732 36.55 26.19 -8.86
C LYS A 732 36.64 26.30 -7.34
N GLU A 733 35.56 25.96 -6.65
CA GLU A 733 35.51 25.98 -5.20
C GLU A 733 34.80 24.72 -4.70
N LEU A 734 35.19 24.28 -3.51
CA LEU A 734 34.61 23.08 -2.92
C LEU A 734 33.64 23.48 -1.81
N LEU A 735 32.43 22.94 -1.87
CA LEU A 735 31.38 23.27 -0.92
C LEU A 735 30.83 21.98 -0.32
N VAL A 736 30.28 22.09 0.89
CA VAL A 736 29.73 20.94 1.61
C VAL A 736 28.36 21.32 2.14
N MET A 737 27.42 20.36 2.07
CA MET A 737 26.07 20.56 2.58
C MET A 737 25.60 19.29 3.29
N ASP A 738 24.54 19.44 4.07
CA ASP A 738 23.93 18.29 4.79
C ASP A 738 23.14 17.47 3.78
N ALA A 739 23.23 16.15 3.77
CA ALA A 739 22.55 15.37 2.72
C ALA A 739 21.11 15.05 3.04
N ASP A 740 20.54 15.59 4.11
CA ASP A 740 19.10 15.35 4.41
C ASP A 740 18.30 16.60 4.07
N GLU A 741 18.94 17.76 4.12
CA GLU A 741 18.33 19.06 3.77
C GLU A 741 18.41 19.22 2.27
N VAL A 742 19.32 18.54 1.61
CA VAL A 742 19.39 18.46 0.15
C VAL A 742 18.25 17.64 -0.40
N GLY A 743 17.95 16.52 0.26
CA GLY A 743 16.84 15.68 -0.19
C GLY A 743 15.49 16.38 -0.09
N ALA A 744 15.24 17.07 1.02
CA ALA A 744 13.98 17.79 1.17
C ALA A 744 13.84 18.89 0.13
N MET A 745 14.92 19.65 -0.10
CA MET A 745 14.87 20.71 -1.09
C MET A 745 14.65 20.17 -2.50
N ASN A 746 15.31 19.06 -2.85
CA ASN A 746 15.10 18.48 -4.17
C ASN A 746 13.70 17.90 -4.31
N ILE A 747 13.13 17.35 -3.24
CA ILE A 747 11.76 16.86 -3.29
C ILE A 747 10.79 18.02 -3.53
N LEU A 748 11.01 19.15 -2.86
CA LEU A 748 10.18 20.33 -3.12
C LEU A 748 10.34 20.82 -4.54
N CYS A 749 11.57 20.78 -5.07
CA CYS A 749 11.81 21.25 -6.43
C CYS A 749 11.14 20.34 -7.47
N ARG A 750 11.18 19.03 -7.26
CA ARG A 750 10.53 18.11 -8.19
C ARG A 750 9.01 18.16 -8.07
N GLY A 751 8.49 18.41 -6.87
CA GLY A 751 7.04 18.50 -6.73
C GLY A 751 6.46 19.69 -7.47
N LEU A 752 7.10 20.85 -7.36
CA LEU A 752 6.63 22.04 -8.04
C LEU A 752 6.81 21.95 -9.55
N ASN A 753 7.65 21.04 -10.02
CA ASN A 753 7.93 20.85 -11.43
C ASN A 753 7.10 19.73 -12.06
N HIS A 754 6.20 19.11 -11.30
CA HIS A 754 5.38 18.00 -11.76
C HIS A 754 6.21 16.80 -12.19
N SER A 755 7.46 16.74 -11.75
CA SER A 755 8.38 15.64 -12.05
C SER A 755 8.62 15.48 -13.53
N VAL A 756 8.58 16.57 -14.30
CA VAL A 756 8.75 16.43 -15.74
C VAL A 756 10.21 16.50 -16.14
N CYS A 757 11.01 17.28 -15.43
CA CYS A 757 12.44 17.34 -15.73
C CYS A 757 13.11 16.08 -15.20
N PRO A 758 13.77 15.28 -16.04
CA PRO A 758 14.33 14.01 -15.58
C PRO A 758 15.75 14.15 -15.04
N TYR A 759 16.13 13.16 -14.24
CA TYR A 759 17.51 13.07 -13.78
C TYR A 759 18.35 12.28 -14.76
N SER A 760 17.84 11.16 -15.25
CA SER A 760 18.53 10.35 -16.24
C SER A 760 17.48 9.53 -16.97
N PHE A 761 17.80 9.17 -18.20
CA PHE A 761 16.85 8.39 -18.99
C PHE A 761 17.59 7.68 -20.12
N VAL A 762 16.83 6.94 -20.93
CA VAL A 762 17.36 6.15 -22.03
C VAL A 762 16.94 6.79 -23.35
N THR A 763 17.88 6.84 -24.29
CA THR A 763 17.60 7.37 -25.62
C THR A 763 16.50 6.55 -26.30
N TYR A 778 8.45 6.95 -24.67
CA TYR A 778 9.15 7.82 -23.73
C TYR A 778 8.39 8.01 -22.43
N GLY A 779 7.08 8.21 -22.54
CA GLY A 779 6.25 8.58 -21.41
C GLY A 779 5.91 10.06 -21.44
N LYS A 780 4.91 10.42 -20.64
CA LYS A 780 4.36 11.77 -20.70
C LYS A 780 5.36 12.80 -20.17
N ARG A 781 6.03 12.51 -19.06
CA ARG A 781 6.95 13.48 -18.46
C ARG A 781 8.11 13.79 -19.40
N VAL A 782 8.77 12.76 -19.91
CA VAL A 782 9.92 12.96 -20.79
C VAL A 782 9.47 13.60 -22.10
N LYS A 783 8.29 13.24 -22.60
CA LYS A 783 7.80 13.84 -23.83
C LYS A 783 7.58 15.35 -23.65
N ARG A 784 6.98 15.75 -22.53
CA ARG A 784 6.79 17.18 -22.30
C ARG A 784 8.12 17.89 -22.10
N PHE A 785 9.06 17.26 -21.39
CA PHE A 785 10.38 17.86 -21.20
C PHE A 785 11.08 18.08 -22.53
N LEU A 786 11.02 17.08 -23.42
CA LEU A 786 11.64 17.21 -24.73
C LEU A 786 10.95 18.28 -25.56
N LYS A 787 9.62 18.35 -25.49
CA LYS A 787 8.88 19.34 -26.29
C LYS A 787 9.09 20.76 -25.79
N ASP A 788 9.36 20.94 -24.51
CA ASP A 788 9.55 22.29 -23.96
C ASP A 788 11.00 22.75 -23.98
N ARG A 789 11.92 21.94 -23.47
CA ARG A 789 13.33 22.34 -23.46
C ARG A 789 13.88 22.43 -24.88
N TYR A 790 13.49 21.51 -25.74
CA TYR A 790 13.92 21.49 -27.14
C TYR A 790 12.72 21.65 -28.05
N GLY A 791 12.98 21.61 -29.36
CA GLY A 791 11.96 21.99 -30.33
C GLY A 791 10.77 21.04 -30.37
N SER A 792 11.03 19.74 -30.37
CA SER A 792 9.97 18.77 -30.61
C SER A 792 10.28 17.47 -29.90
N SER A 793 9.23 16.65 -29.76
CA SER A 793 9.35 15.36 -29.08
C SER A 793 9.83 14.24 -30.00
N ASN A 794 9.95 14.49 -31.30
CA ASN A 794 10.47 13.51 -32.25
C ASN A 794 11.86 13.97 -32.66
N VAL A 795 12.87 13.58 -31.87
CA VAL A 795 14.24 14.03 -32.05
C VAL A 795 15.18 12.86 -31.82
N ARG A 796 16.43 13.01 -32.28
CA ARG A 796 17.49 11.99 -32.10
C ARG A 796 18.70 12.64 -31.45
N PHE A 797 19.63 11.84 -30.95
CA PHE A 797 20.78 12.41 -30.20
C PHE A 797 22.10 11.96 -30.81
N LEU A 798 23.07 12.87 -30.90
CA LEU A 798 24.43 12.54 -31.41
C LEU A 798 25.41 13.06 -30.37
N VAL A 799 26.54 12.38 -30.17
CA VAL A 799 27.53 12.88 -29.17
C VAL A 799 28.36 13.98 -29.82
N ALA A 800 28.99 14.82 -29.00
CA ALA A 800 29.82 15.93 -29.48
C ALA A 800 30.79 16.34 -28.38
N SER A 801 31.92 16.91 -28.81
CA SER A 801 32.93 17.45 -27.91
C SER A 801 33.39 16.40 -26.90
N MET A 802 33.56 16.78 -25.63
CA MET A 802 34.03 15.71 -24.69
C MET A 802 32.85 15.10 -23.93
N GLY A 803 31.89 14.52 -24.65
CA GLY A 803 30.75 13.83 -24.01
C GLY A 803 29.45 14.61 -23.95
N PHE A 804 29.40 15.88 -24.36
CA PHE A 804 28.09 16.58 -24.32
C PHE A 804 27.19 16.09 -25.45
N VAL A 805 25.89 16.32 -25.34
CA VAL A 805 24.99 15.81 -26.40
C VAL A 805 24.27 17.00 -27.03
N THR A 806 23.99 16.92 -28.33
CA THR A 806 23.24 17.98 -29.04
C THR A 806 21.96 17.32 -29.57
N VAL A 807 20.79 17.83 -29.25
CA VAL A 807 19.57 17.14 -29.73
C VAL A 807 19.26 17.67 -31.12
N THR A 808 19.04 16.77 -32.09
CA THR A 808 18.81 17.16 -33.51
C THR A 808 17.46 16.62 -33.99
N THR A 809 16.77 17.36 -34.86
CA THR A 809 15.47 16.97 -35.36
C THR A 809 15.56 16.38 -36.76
N ALA A 815 24.18 9.13 -33.82
CA ALA A 815 23.00 8.63 -33.11
C ALA A 815 23.40 7.71 -31.97
N LEU A 816 22.53 7.58 -30.97
CA LEU A 816 22.76 6.73 -29.83
C LEU A 816 21.50 5.91 -29.55
N VAL A 817 21.70 4.70 -29.04
CA VAL A 817 20.60 3.82 -28.66
C VAL A 817 20.93 3.17 -27.32
N GLY A 818 19.93 3.14 -26.44
CA GLY A 818 20.06 2.42 -25.17
C GLY A 818 21.18 2.90 -24.27
N LYS A 819 21.28 4.21 -24.06
CA LYS A 819 22.35 4.79 -23.26
C LYS A 819 21.78 5.72 -22.19
N ARG A 820 22.37 5.77 -21.02
CA ARG A 820 21.84 6.70 -20.00
C ARG A 820 22.21 8.09 -20.45
N LEU A 821 21.33 9.07 -20.32
CA LEU A 821 21.74 10.47 -20.57
C LEU A 821 21.39 11.21 -19.29
N TYR A 822 22.25 12.04 -18.76
CA TYR A 822 21.92 12.77 -17.52
C TYR A 822 21.71 14.25 -17.77
N TYR A 823 20.88 14.89 -16.99
CA TYR A 823 20.62 16.33 -17.09
C TYR A 823 21.33 17.01 -15.91
N HIS A 824 22.43 17.69 -16.21
CA HIS A 824 23.22 18.38 -15.20
C HIS A 824 23.46 19.81 -15.68
N GLY A 825 22.92 20.79 -14.97
CA GLY A 825 23.19 22.17 -15.24
C GLY A 825 22.47 22.76 -16.43
N GLY A 826 21.53 22.04 -17.03
CA GLY A 826 20.79 22.52 -18.17
C GLY A 826 21.18 21.91 -19.50
N GLU A 827 22.08 20.94 -19.50
CA GLU A 827 22.46 20.30 -20.78
C GLU A 827 22.49 18.79 -20.59
N LEU A 828 22.27 18.00 -21.64
CA LEU A 828 22.39 16.55 -21.47
C LEU A 828 23.87 16.18 -21.54
N VAL A 829 24.28 15.11 -20.88
CA VAL A 829 25.70 14.64 -20.91
C VAL A 829 25.71 13.12 -20.96
N THR A 830 26.77 12.50 -21.43
CA THR A 830 26.75 11.03 -21.48
C THR A 830 27.20 10.46 -20.15
N HIS A 831 26.98 9.18 -19.95
CA HIS A 831 27.31 8.46 -18.69
C HIS A 831 28.70 8.79 -18.18
N ASP A 832 29.69 8.78 -19.06
CA ASP A 832 31.12 8.92 -18.79
C ASP A 832 31.45 10.27 -18.19
N LEU A 833 30.85 11.35 -18.69
CA LEU A 833 31.11 12.67 -18.16
C LEU A 833 30.58 12.80 -16.73
N HIS A 834 29.45 12.18 -16.45
CA HIS A 834 28.91 12.16 -15.09
C HIS A 834 29.88 11.46 -14.14
N ASN A 835 30.39 10.30 -14.54
CA ASN A 835 31.41 9.62 -13.75
C ASN A 835 32.63 10.51 -13.55
N ARG A 836 33.06 11.21 -14.61
CA ARG A 836 34.26 12.03 -14.51
C ARG A 836 34.07 13.18 -13.53
N MET A 837 32.89 13.80 -13.52
CA MET A 837 32.63 14.89 -12.57
C MET A 837 32.62 14.37 -11.13
N LYS A 838 31.92 13.25 -10.90
CA LYS A 838 31.92 12.69 -9.55
C LYS A 838 33.33 12.31 -9.11
N ASP A 839 34.11 11.71 -10.02
CA ASP A 839 35.48 11.33 -9.70
C ASP A 839 36.33 12.56 -9.40
N GLU A 840 36.12 13.65 -10.14
CA GLU A 840 36.86 14.87 -9.87
C GLU A 840 36.60 15.37 -8.46
N ILE A 841 35.33 15.39 -8.05
CA ILE A 841 35.03 15.79 -6.69
C ILE A 841 35.67 14.83 -5.69
N LYS A 842 35.65 13.53 -6.00
CA LYS A 842 36.23 12.54 -5.08
C LYS A 842 37.72 12.74 -4.91
N TYR A 843 38.47 12.92 -6.00
CA TYR A 843 39.90 13.14 -5.87
C TYR A 843 40.19 14.47 -5.17
N LEU A 844 39.35 15.49 -5.40
CA LEU A 844 39.57 16.76 -4.72
C LEU A 844 39.39 16.63 -3.22
N VAL A 845 38.38 15.88 -2.78
CA VAL A 845 38.14 15.76 -1.34
C VAL A 845 39.14 14.81 -0.71
N GLU A 846 39.63 13.82 -1.46
CA GLU A 846 40.62 12.89 -0.90
C GLU A 846 41.92 13.60 -0.52
N LYS A 847 42.25 14.69 -1.21
CA LYS A 847 43.44 15.46 -0.89
C LYS A 847 43.25 16.40 0.30
N GLU A 848 42.16 16.25 1.05
CA GLU A 848 41.89 17.05 2.25
C GLU A 848 41.86 18.54 1.94
N VAL A 849 41.19 18.90 0.84
CA VAL A 849 40.99 20.31 0.52
C VAL A 849 39.83 20.85 1.36
N LEU A 850 40.06 21.96 2.04
CA LEU A 850 39.05 22.52 2.94
C LEU A 850 37.87 23.04 2.14
N ALA A 851 36.66 22.65 2.55
CA ALA A 851 35.43 23.03 1.87
C ALA A 851 34.72 24.14 2.63
N ARG A 852 33.69 24.70 1.98
CA ARG A 852 32.91 25.79 2.54
C ARG A 852 31.49 25.34 2.83
N ARG A 853 30.96 25.78 3.97
CA ARG A 853 29.61 25.42 4.37
C ARG A 853 28.59 26.34 3.70
N VAL A 854 27.54 25.75 3.14
CA VAL A 854 26.49 26.48 2.46
C VAL A 854 25.15 26.10 3.08
N SER A 855 24.34 27.11 3.38
CA SER A 855 23.00 26.91 3.94
C SER A 855 21.96 27.17 2.87
N LEU A 856 21.01 26.24 2.73
CA LEU A 856 20.00 26.34 1.69
C LEU A 856 18.85 27.27 2.07
N SER A 857 18.80 27.76 3.30
CA SER A 857 17.78 28.70 3.74
C SER A 857 18.25 30.14 3.62
N ASP A 858 19.32 30.39 2.87
CA ASP A 858 19.82 31.75 2.71
C ASP A 858 18.83 32.59 1.90
N SER A 859 18.67 33.84 2.30
CA SER A 859 17.79 34.77 1.60
C SER A 859 18.50 35.52 0.49
N THR A 860 19.76 35.19 0.22
CA THR A 860 20.52 35.78 -0.88
C THR A 860 20.53 34.88 -2.11
N ILE A 861 19.76 33.80 -2.10
CA ILE A 861 19.66 32.91 -3.26
C ILE A 861 18.63 33.48 -4.21
N LYS A 862 19.01 33.61 -5.49
CA LYS A 862 18.13 34.21 -6.48
C LYS A 862 17.40 33.20 -7.35
N SER A 863 17.81 31.95 -7.35
CA SER A 863 17.14 30.92 -8.15
C SER A 863 17.55 29.54 -7.67
N TYR A 864 16.58 28.63 -7.67
CA TYR A 864 16.82 27.21 -7.43
C TYR A 864 16.69 26.51 -8.78
N LYS A 865 17.81 26.10 -9.36
CA LYS A 865 17.82 25.57 -10.71
C LYS A 865 17.72 24.06 -10.79
N SER A 866 17.56 23.38 -9.66
CA SER A 866 17.45 21.92 -9.68
C SER A 866 16.10 21.51 -10.25
N PHE A 867 16.13 20.58 -11.20
CA PHE A 867 14.92 20.01 -11.80
C PHE A 867 14.00 21.11 -12.33
N ALA A 868 14.59 22.09 -13.01
CA ALA A 868 13.84 23.14 -13.67
C ALA A 868 14.31 23.22 -15.12
N HIS A 869 13.41 22.94 -16.06
CA HIS A 869 13.74 22.90 -17.48
C HIS A 869 13.28 24.13 -18.24
N VAL A 870 12.75 25.14 -17.56
CA VAL A 870 12.29 26.35 -18.23
C VAL A 870 12.96 27.57 -17.60
MG MG E . 17.93 11.36 3.07
#